data_3BTS
#
_entry.id   3BTS
#
_cell.length_a   88.071
_cell.length_b   103.431
_cell.length_c   106.880
_cell.angle_alpha   90.00
_cell.angle_beta   90.00
_cell.angle_gamma   90.00
#
_symmetry.space_group_name_H-M   'P 21 21 2'
#
loop_
_entity.id
_entity.type
_entity.pdbx_description
1 polymer 'Galactose/lactose metabolism regulatory protein GAL80'
2 polymer 'Regulatory protein GAL4'
3 non-polymer NICOTINAMIDE-ADENINE-DINUCLEOTIDE
4 water water
#
loop_
_entity_poly.entity_id
_entity_poly.type
_entity_poly.pdbx_seq_one_letter_code
_entity_poly.pdbx_strand_id
1 'polypeptide(L)'
;GSHMDYNKRSSVSTVPNAAPIRVGFVGLNAAKGWAIKTHYPAILQLSSQFQITALYSPKIETSIATIQRLKLSNATAFPT
LESFASSSTIDMIVIAIQVASHYEVVMPLLEFSKNNPNLKYLFVEWALACSLDQAESIYKAAAERGVQTIISLQGRKSPY
ILRAKELISQGYIGDINSIEIAGNGGWYGYERPVKSPKYIYEIGNGVDLVTTTFGHTIDILQYMTSSYFSRINAMVFNNI
PEQELIDERGNRLGQRVPKTVPDHLLFQGTLLNGNVPVSCSFKGGKPTKKFTKNLVIDIHGTKRDLKLEGDAGFAEISNL
VLYYSGTRANDFPLANGQQAPLDPGYDAGKEIMEVYHLRNYNAIVGNIHRLYQSISDFHFNTKKIPELPSQFVMQGFDFE
GFPTLMDALILHRLIESVYKSNMMGSTLNVSNISHYSL
;
A,B
2 'polypeptide(L)' GMFNTTTMDDVYNYLFDDEDT E,F
#
loop_
_chem_comp.id
_chem_comp.type
_chem_comp.name
_chem_comp.formula
NAD non-polymer NICOTINAMIDE-ADENINE-DINUCLEOTIDE 'C21 H27 N7 O14 P2'
#
# COMPACT_ATOMS: atom_id res chain seq x y z
N ASN A 17 3.09 52.62 1.68
CA ASN A 17 2.52 51.31 1.99
C ASN A 17 1.49 50.88 0.94
N ALA A 18 0.90 51.85 0.26
CA ALA A 18 0.00 51.57 -0.86
C ALA A 18 0.84 51.13 -2.04
N ALA A 19 2.11 50.84 -1.76
CA ALA A 19 3.08 50.52 -2.80
C ALA A 19 3.21 49.01 -3.03
N PRO A 20 3.31 48.62 -4.30
CA PRO A 20 3.52 47.24 -4.75
C PRO A 20 4.78 46.65 -4.14
N ILE A 21 4.70 45.37 -3.76
CA ILE A 21 5.87 44.61 -3.31
C ILE A 21 6.90 44.52 -4.44
N ARG A 22 8.09 45.05 -4.18
CA ARG A 22 9.15 45.04 -5.18
C ARG A 22 9.89 43.71 -5.12
N VAL A 23 9.85 42.97 -6.22
CA VAL A 23 10.34 41.60 -6.25
C VAL A 23 11.67 41.40 -6.99
N GLY A 24 12.63 40.81 -6.29
CA GLY A 24 13.90 40.42 -6.91
C GLY A 24 13.94 38.93 -7.21
N PHE A 25 14.24 38.61 -8.46
CA PHE A 25 14.24 37.22 -8.92
C PHE A 25 15.61 36.63 -9.21
N VAL A 26 15.89 35.48 -8.60
CA VAL A 26 17.00 34.63 -9.02
C VAL A 26 16.42 33.36 -9.64
N GLY A 27 16.58 33.22 -10.94
CA GLY A 27 16.05 32.06 -11.63
C GLY A 27 14.91 32.36 -12.59
N LEU A 28 14.53 33.64 -12.70
CA LEU A 28 13.57 34.00 -13.72
C LEU A 28 14.26 34.13 -15.08
N ASN A 29 13.76 33.37 -16.04
CA ASN A 29 14.34 33.30 -17.38
C ASN A 29 13.22 33.13 -18.39
N ALA A 30 13.16 34.04 -19.35
CA ALA A 30 12.08 34.08 -20.32
C ALA A 30 12.16 32.93 -21.33
N ALA A 31 13.36 32.38 -21.50
CA ALA A 31 13.57 31.30 -22.46
C ALA A 31 13.12 29.93 -21.92
N LYS A 32 13.36 29.69 -20.63
CA LYS A 32 13.14 28.37 -20.06
C LYS A 32 12.96 28.41 -18.54
N GLY A 33 12.54 27.30 -17.97
CA GLY A 33 12.48 27.17 -16.53
C GLY A 33 11.08 27.13 -15.95
N TRP A 34 11.03 26.88 -14.64
CA TRP A 34 9.79 26.78 -13.88
C TRP A 34 9.18 28.15 -13.61
N ALA A 35 10.03 29.13 -13.30
CA ALA A 35 9.53 30.44 -12.85
C ALA A 35 8.82 31.21 -13.96
N ILE A 36 9.19 30.97 -15.20
CA ILE A 36 8.57 31.69 -16.31
C ILE A 36 7.16 31.17 -16.57
N LYS A 37 6.95 29.89 -16.30
CA LYS A 37 5.67 29.25 -16.59
C LYS A 37 4.67 29.49 -15.48
N THR A 38 5.16 29.79 -14.27
CA THR A 38 4.31 29.81 -13.09
C THR A 38 4.37 31.10 -12.31
N HIS A 39 5.55 31.43 -11.80
CA HIS A 39 5.72 32.62 -10.99
C HIS A 39 5.39 33.88 -11.77
N TYR A 40 5.94 33.99 -12.97
CA TYR A 40 5.74 35.21 -13.76
C TYR A 40 4.26 35.45 -14.10
N PRO A 41 3.60 34.46 -14.72
CA PRO A 41 2.18 34.65 -15.03
C PRO A 41 1.37 35.16 -13.83
N ALA A 42 1.73 34.73 -12.63
CA ALA A 42 1.06 35.19 -11.42
C ALA A 42 1.34 36.67 -11.16
N ILE A 43 2.62 37.00 -11.07
CA ILE A 43 3.06 38.37 -10.87
C ILE A 43 2.52 39.31 -11.94
N LEU A 44 2.24 38.75 -13.12
CA LEU A 44 1.68 39.50 -14.22
C LEU A 44 0.23 39.88 -13.90
N GLN A 45 -0.55 38.88 -13.51
CA GLN A 45 -1.94 39.07 -13.16
C GLN A 45 -2.09 40.05 -12.00
N LEU A 46 -1.14 39.99 -11.06
CA LEU A 46 -1.24 40.75 -9.83
C LEU A 46 -0.31 41.96 -9.82
N SER A 47 -0.32 42.69 -10.93
CA SER A 47 0.52 43.87 -11.09
C SER A 47 0.24 44.96 -10.04
N SER A 48 -1.00 45.03 -9.57
CA SER A 48 -1.36 46.04 -8.57
C SER A 48 -0.63 45.80 -7.26
N GLN A 49 -0.07 44.61 -7.10
CA GLN A 49 0.43 44.17 -5.80
C GLN A 49 1.87 43.65 -5.84
N PHE A 50 2.35 43.29 -7.03
CA PHE A 50 3.70 42.77 -7.19
C PHE A 50 4.40 43.43 -8.35
N GLN A 51 5.66 43.79 -8.14
CA GLN A 51 6.48 44.36 -9.21
C GLN A 51 7.91 43.83 -9.16
N ILE A 52 8.38 43.33 -10.30
CA ILE A 52 9.75 42.84 -10.41
C ILE A 52 10.72 44.00 -10.63
N THR A 53 11.65 44.17 -9.70
CA THR A 53 12.58 45.29 -9.74
C THR A 53 14.02 44.85 -9.97
N ALA A 54 14.28 43.54 -9.91
CA ALA A 54 15.65 43.05 -9.92
C ALA A 54 15.79 41.60 -10.35
N LEU A 55 16.65 41.35 -11.32
CA LEU A 55 17.01 39.99 -11.74
C LEU A 55 18.49 39.72 -11.54
N TYR A 56 18.82 38.48 -11.21
CA TYR A 56 20.21 38.06 -11.22
C TYR A 56 20.36 36.69 -11.87
N SER A 57 21.29 36.62 -12.82
CA SER A 57 21.71 35.36 -13.40
C SER A 57 23.23 35.34 -13.33
N PRO A 58 23.84 34.16 -13.53
CA PRO A 58 25.31 34.14 -13.55
C PRO A 58 25.78 34.93 -14.77
N LYS A 59 25.01 34.81 -15.84
CA LYS A 59 25.25 35.55 -17.07
C LYS A 59 24.32 36.76 -17.16
N ILE A 60 24.89 37.94 -17.11
CA ILE A 60 24.11 39.17 -17.08
C ILE A 60 23.35 39.39 -18.40
N GLU A 61 23.85 38.83 -19.48
CA GLU A 61 23.21 38.96 -20.79
C GLU A 61 21.81 38.37 -20.77
N THR A 62 21.63 37.28 -20.03
CA THR A 62 20.34 36.60 -19.98
C THR A 62 19.35 37.38 -19.12
N SER A 63 19.83 37.89 -18.00
CA SER A 63 19.01 38.76 -17.16
C SER A 63 18.46 39.89 -18.00
N ILE A 64 19.35 40.53 -18.74
CA ILE A 64 18.97 41.64 -19.60
C ILE A 64 18.00 41.21 -20.71
N ALA A 65 18.36 40.14 -21.41
CA ALA A 65 17.48 39.60 -22.45
C ALA A 65 16.06 39.39 -21.93
N THR A 66 15.98 38.85 -20.72
CA THR A 66 14.70 38.58 -20.07
C THR A 66 13.90 39.86 -19.83
N ILE A 67 14.57 40.87 -19.29
CA ILE A 67 13.94 42.16 -19.04
C ILE A 67 13.34 42.79 -20.31
N GLN A 68 13.93 42.49 -21.45
CA GLN A 68 13.43 43.09 -22.69
C GLN A 68 12.30 42.26 -23.28
N ARG A 69 12.42 40.94 -23.27
CA ARG A 69 11.37 40.07 -23.79
C ARG A 69 10.08 40.23 -23.00
N LEU A 70 10.21 40.48 -21.70
CA LEU A 70 9.04 40.63 -20.84
C LEU A 70 8.69 42.10 -20.61
N LYS A 71 9.43 42.99 -21.26
CA LYS A 71 9.21 44.42 -21.10
C LYS A 71 9.03 44.75 -19.62
N LEU A 72 9.98 44.33 -18.81
CA LEU A 72 9.97 44.62 -17.39
C LEU A 72 10.42 46.06 -17.15
N SER A 73 9.50 47.01 -17.34
CA SER A 73 9.85 48.43 -17.32
C SER A 73 10.51 48.92 -16.03
N ASN A 74 10.52 48.08 -14.99
CA ASN A 74 11.11 48.47 -13.71
C ASN A 74 12.30 47.60 -13.27
N ALA A 75 12.73 46.68 -14.13
CA ALA A 75 13.74 45.71 -13.73
C ALA A 75 15.18 46.17 -13.95
N THR A 76 16.03 45.91 -12.95
CA THR A 76 17.45 46.21 -13.03
C THR A 76 18.25 44.90 -13.03
N ALA A 77 19.10 44.71 -14.02
CA ALA A 77 19.88 43.48 -14.14
C ALA A 77 21.22 43.60 -13.42
N PHE A 78 21.28 43.07 -12.20
CA PHE A 78 22.51 43.08 -11.42
C PHE A 78 23.51 42.04 -11.91
N PRO A 79 24.80 42.33 -11.77
CA PRO A 79 25.91 41.50 -12.29
C PRO A 79 26.37 40.46 -11.30
N THR A 80 26.17 40.73 -10.01
CA THR A 80 26.66 39.85 -8.95
C THR A 80 25.63 39.57 -7.87
N LEU A 81 25.74 38.39 -7.26
CA LEU A 81 24.94 38.05 -6.11
C LEU A 81 25.10 39.17 -5.08
N GLU A 82 26.35 39.54 -4.82
CA GLU A 82 26.68 40.62 -3.91
C GLU A 82 25.82 41.85 -4.17
N SER A 83 25.87 42.36 -5.40
CA SER A 83 25.15 43.58 -5.74
C SER A 83 23.65 43.37 -5.60
N PHE A 84 23.16 42.28 -6.15
CA PHE A 84 21.75 41.93 -6.08
C PHE A 84 21.27 41.90 -4.64
N ALA A 85 21.88 41.04 -3.83
CA ALA A 85 21.42 40.80 -2.45
C ALA A 85 21.50 42.04 -1.58
N SER A 86 22.30 43.00 -1.99
CA SER A 86 22.52 44.22 -1.22
C SER A 86 21.51 45.30 -1.56
N SER A 87 21.09 45.35 -2.81
CA SER A 87 20.14 46.35 -3.28
C SER A 87 18.96 46.54 -2.34
N SER A 88 18.58 47.79 -2.10
CA SER A 88 17.48 48.10 -1.22
C SER A 88 16.22 48.41 -2.02
N THR A 89 16.27 48.12 -3.32
CA THR A 89 15.10 48.29 -4.18
C THR A 89 14.21 47.05 -4.14
N ILE A 90 14.50 46.14 -3.22
CA ILE A 90 13.84 44.83 -3.17
C ILE A 90 13.17 44.54 -1.83
N ASP A 91 11.90 44.14 -1.90
CA ASP A 91 11.15 43.77 -0.70
C ASP A 91 11.10 42.26 -0.53
N MET A 92 11.00 41.55 -1.64
CA MET A 92 10.97 40.09 -1.61
C MET A 92 11.92 39.46 -2.62
N ILE A 93 12.77 38.57 -2.15
CA ILE A 93 13.62 37.80 -3.06
C ILE A 93 12.98 36.44 -3.34
N VAL A 94 13.00 36.05 -4.61
CA VAL A 94 12.51 34.74 -4.99
C VAL A 94 13.66 33.92 -5.56
N ILE A 95 13.84 32.73 -4.99
CA ILE A 95 14.83 31.77 -5.48
C ILE A 95 14.15 30.65 -6.26
N ALA A 96 14.40 30.60 -7.56
CA ALA A 96 13.81 29.55 -8.40
C ALA A 96 14.85 28.90 -9.31
N ILE A 97 15.90 28.35 -8.70
CA ILE A 97 16.95 27.70 -9.46
C ILE A 97 17.05 26.22 -9.07
N GLN A 98 17.82 25.45 -9.83
CA GLN A 98 18.04 24.05 -9.51
C GLN A 98 18.34 23.86 -8.02
N VAL A 99 17.70 22.86 -7.41
CA VAL A 99 17.85 22.57 -5.99
C VAL A 99 19.30 22.42 -5.53
N ALA A 100 20.13 21.81 -6.38
CA ALA A 100 21.54 21.63 -6.07
C ALA A 100 22.31 22.94 -5.86
N SER A 101 21.73 24.06 -6.29
CA SER A 101 22.39 25.36 -6.18
C SER A 101 21.77 26.28 -5.12
N HIS A 102 20.68 25.82 -4.49
CA HIS A 102 20.03 26.61 -3.44
C HIS A 102 20.99 27.02 -2.34
N TYR A 103 21.59 26.03 -1.68
CA TYR A 103 22.50 26.28 -0.55
C TYR A 103 23.66 27.22 -0.91
N GLU A 104 24.31 26.96 -2.06
CA GLU A 104 25.50 27.74 -2.43
C GLU A 104 25.18 29.19 -2.74
N VAL A 105 23.92 29.46 -3.07
CA VAL A 105 23.48 30.79 -3.49
C VAL A 105 22.74 31.56 -2.40
N VAL A 106 22.06 30.84 -1.53
CA VAL A 106 21.21 31.46 -0.52
C VAL A 106 21.98 31.85 0.73
N MET A 107 22.96 31.03 1.11
CA MET A 107 23.76 31.31 2.29
C MET A 107 24.53 32.61 2.12
N PRO A 108 25.25 32.75 1.00
CA PRO A 108 25.85 34.04 0.66
C PRO A 108 24.81 35.15 0.60
N LEU A 109 23.81 34.97 -0.26
CA LEU A 109 22.77 35.96 -0.46
C LEU A 109 22.24 36.52 0.86
N LEU A 110 21.99 35.62 1.80
CA LEU A 110 21.48 36.02 3.11
C LEU A 110 22.46 36.92 3.86
N GLU A 111 23.75 36.63 3.77
CA GLU A 111 24.76 37.48 4.38
C GLU A 111 24.71 38.86 3.75
N PHE A 112 24.88 38.91 2.43
CA PHE A 112 24.82 40.16 1.70
C PHE A 112 23.55 40.96 2.00
N SER A 113 22.43 40.26 2.15
CA SER A 113 21.12 40.91 2.27
C SER A 113 21.00 41.78 3.51
N LYS A 114 21.97 41.71 4.41
CA LYS A 114 21.96 42.55 5.59
C LYS A 114 22.11 44.01 5.19
N ASN A 115 22.54 44.23 3.95
CA ASN A 115 22.71 45.58 3.40
C ASN A 115 21.41 46.11 2.77
N ASN A 116 20.31 45.41 3.01
CA ASN A 116 19.01 45.84 2.54
C ASN A 116 18.02 45.85 3.71
N PRO A 117 17.68 47.05 4.19
CA PRO A 117 16.80 47.23 5.35
C PRO A 117 15.35 47.00 4.97
N ASN A 118 15.09 46.94 3.67
CA ASN A 118 13.73 46.80 3.16
C ASN A 118 13.31 45.34 2.96
N LEU A 119 14.27 44.42 2.93
CA LEU A 119 13.96 43.02 2.71
C LEU A 119 13.02 42.52 3.77
N LYS A 120 11.94 41.87 3.34
CA LYS A 120 10.89 41.46 4.24
C LYS A 120 10.59 39.98 4.04
N TYR A 121 10.66 39.54 2.78
CA TYR A 121 10.29 38.17 2.44
C TYR A 121 11.39 37.46 1.67
N LEU A 122 11.58 36.18 1.99
CA LEU A 122 12.42 35.30 1.19
C LEU A 122 11.59 34.10 0.73
N PHE A 123 11.46 33.97 -0.58
CA PHE A 123 10.61 32.96 -1.18
C PHE A 123 11.48 31.93 -1.90
N VAL A 124 11.46 30.69 -1.42
CA VAL A 124 12.28 29.64 -2.01
C VAL A 124 11.44 28.49 -2.56
N GLU A 125 11.81 27.99 -3.73
CA GLU A 125 11.16 26.83 -4.30
C GLU A 125 11.47 25.54 -3.53
N TRP A 126 10.54 24.59 -3.60
CA TRP A 126 10.78 23.25 -3.11
C TRP A 126 11.45 22.43 -4.21
N ALA A 127 12.46 21.65 -3.86
CA ALA A 127 12.89 21.47 -2.47
C ALA A 127 13.82 22.55 -1.99
N LEU A 128 13.90 22.68 -0.68
CA LEU A 128 14.75 23.67 -0.04
C LEU A 128 16.23 23.44 -0.34
N ALA A 129 16.73 22.26 0.00
CA ALA A 129 18.12 21.92 -0.27
C ALA A 129 18.28 20.45 -0.68
N CYS A 130 19.51 20.03 -0.94
CA CYS A 130 19.77 18.64 -1.32
C CYS A 130 19.85 17.68 -0.14
N SER A 131 19.88 18.23 1.06
CA SER A 131 20.03 17.43 2.27
C SER A 131 19.43 18.15 3.47
N LEU A 132 19.07 17.37 4.49
CA LEU A 132 18.60 17.92 5.75
C LEU A 132 19.63 18.86 6.38
N ASP A 133 20.91 18.51 6.31
CA ASP A 133 21.97 19.38 6.82
C ASP A 133 21.92 20.76 6.19
N GLN A 134 21.96 20.81 4.86
CA GLN A 134 21.88 22.08 4.13
C GLN A 134 20.61 22.81 4.48
N ALA A 135 19.53 22.07 4.66
CA ALA A 135 18.23 22.67 4.95
C ALA A 135 18.20 23.30 6.33
N GLU A 136 18.84 22.64 7.29
CA GLU A 136 18.96 23.16 8.64
C GLU A 136 19.74 24.48 8.61
N SER A 137 20.89 24.46 7.93
CA SER A 137 21.76 25.62 7.87
C SER A 137 20.98 26.78 7.27
N ILE A 138 20.24 26.49 6.20
CA ILE A 138 19.49 27.52 5.53
C ILE A 138 18.41 28.08 6.42
N TYR A 139 17.69 27.21 7.14
CA TYR A 139 16.66 27.71 8.04
C TYR A 139 17.27 28.55 9.15
N LYS A 140 18.30 28.02 9.80
CA LYS A 140 19.05 28.76 10.81
C LYS A 140 19.36 30.17 10.32
N ALA A 141 20.02 30.25 9.17
CA ALA A 141 20.44 31.54 8.61
C ALA A 141 19.27 32.44 8.29
N ALA A 142 18.19 31.86 7.77
CA ALA A 142 16.99 32.63 7.46
C ALA A 142 16.44 33.30 8.73
N ALA A 143 16.43 32.55 9.83
CA ALA A 143 15.97 33.08 11.10
C ALA A 143 16.86 34.24 11.57
N GLU A 144 18.16 34.03 11.56
CA GLU A 144 19.14 35.04 11.93
C GLU A 144 18.95 36.34 11.15
N ARG A 145 18.34 36.22 9.97
CA ARG A 145 18.15 37.36 9.09
C ARG A 145 16.81 38.06 9.36
N GLY A 146 15.92 37.34 10.04
CA GLY A 146 14.69 37.92 10.53
C GLY A 146 13.62 38.23 9.50
N VAL A 147 13.78 37.75 8.28
CA VAL A 147 12.76 37.94 7.26
C VAL A 147 11.64 36.92 7.40
N GLN A 148 10.49 37.24 6.82
CA GLN A 148 9.45 36.23 6.66
C GLN A 148 9.84 35.30 5.52
N THR A 149 9.69 33.99 5.73
CA THR A 149 10.04 33.01 4.71
C THR A 149 8.82 32.35 4.07
N ILE A 150 9.04 31.83 2.87
CA ILE A 150 7.99 31.16 2.13
C ILE A 150 8.60 30.03 1.33
N ILE A 151 8.08 28.82 1.51
CA ILE A 151 8.47 27.69 0.67
C ILE A 151 7.39 27.44 -0.37
N SER A 152 7.76 26.84 -1.50
CA SER A 152 6.80 26.58 -2.57
C SER A 152 6.14 25.20 -2.49
N LEU A 153 5.32 25.02 -1.46
CA LEU A 153 4.48 23.84 -1.30
C LEU A 153 3.05 24.21 -1.71
N GLN A 154 2.84 24.47 -3.00
CA GLN A 154 1.63 25.14 -3.47
C GLN A 154 0.35 24.27 -3.43
N GLY A 155 0.51 22.96 -3.25
CA GLY A 155 -0.62 22.09 -3.01
C GLY A 155 -1.45 22.56 -1.82
N ARG A 156 -0.79 23.15 -0.82
CA ARG A 156 -1.46 23.71 0.34
C ARG A 156 -2.41 24.85 -0.04
N LYS A 157 -2.51 25.12 -1.34
CA LYS A 157 -3.36 26.18 -1.84
C LYS A 157 -4.30 25.68 -2.92
N SER A 158 -4.17 24.41 -3.29
CA SER A 158 -5.12 23.82 -4.21
C SER A 158 -6.53 24.02 -3.66
N PRO A 159 -7.48 24.35 -4.54
CA PRO A 159 -8.90 24.43 -4.18
C PRO A 159 -9.43 23.09 -3.66
N TYR A 160 -8.91 22.01 -4.25
CA TYR A 160 -9.29 20.66 -3.83
C TYR A 160 -8.73 20.30 -2.48
N ILE A 161 -7.45 20.58 -2.26
CA ILE A 161 -6.85 20.35 -0.96
C ILE A 161 -7.63 21.09 0.13
N LEU A 162 -8.01 22.33 -0.16
CA LEU A 162 -8.70 23.14 0.83
C LEU A 162 -10.11 22.63 1.10
N ARG A 163 -10.84 22.28 0.06
CA ARG A 163 -12.17 21.72 0.24
C ARG A 163 -12.10 20.45 1.10
N ALA A 164 -11.24 19.52 0.71
CA ALA A 164 -11.03 18.30 1.48
C ALA A 164 -10.66 18.62 2.93
N LYS A 165 -9.76 19.58 3.12
CA LYS A 165 -9.35 19.96 4.46
C LYS A 165 -10.53 20.46 5.30
N GLU A 166 -11.42 21.24 4.68
CA GLU A 166 -12.62 21.74 5.34
C GLU A 166 -13.57 20.62 5.72
N LEU A 167 -14.02 19.85 4.74
CA LEU A 167 -14.88 18.70 4.98
C LEU A 167 -14.39 17.88 6.15
N ILE A 168 -13.14 17.42 6.04
CA ILE A 168 -12.50 16.68 7.11
C ILE A 168 -12.58 17.39 8.47
N SER A 169 -12.20 18.67 8.51
CA SER A 169 -12.14 19.41 9.77
C SER A 169 -13.53 19.73 10.36
N GLN A 170 -14.52 19.86 9.49
CA GLN A 170 -15.89 20.10 9.91
C GLN A 170 -16.64 18.78 10.24
N GLY A 171 -15.90 17.68 10.31
CA GLY A 171 -16.46 16.40 10.72
C GLY A 171 -17.40 15.75 9.70
N TYR A 172 -17.31 16.20 8.46
CA TYR A 172 -18.21 15.74 7.41
C TYR A 172 -17.97 14.29 6.99
N ILE A 173 -16.81 13.74 7.29
CA ILE A 173 -16.54 12.34 6.98
C ILE A 173 -16.38 11.47 8.25
N GLY A 174 -16.49 12.08 9.42
CA GLY A 174 -16.31 11.36 10.67
C GLY A 174 -14.85 11.21 11.05
N ASP A 175 -14.51 10.14 11.77
CA ASP A 175 -13.13 9.88 12.15
C ASP A 175 -12.41 9.16 11.03
N ILE A 176 -11.12 9.41 10.87
CA ILE A 176 -10.39 8.74 9.81
C ILE A 176 -9.98 7.36 10.30
N ASN A 177 -10.54 6.36 9.63
CA ASN A 177 -10.27 4.96 9.95
C ASN A 177 -8.97 4.49 9.31
N SER A 178 -8.73 4.88 8.08
CA SER A 178 -7.50 4.51 7.38
C SER A 178 -7.27 5.33 6.10
N ILE A 179 -6.05 5.31 5.61
CA ILE A 179 -5.69 6.03 4.39
C ILE A 179 -4.84 5.22 3.43
N GLU A 180 -5.17 5.31 2.14
CA GLU A 180 -4.32 4.72 1.10
C GLU A 180 -3.91 5.77 0.10
N ILE A 181 -2.68 5.64 -0.40
CA ILE A 181 -2.15 6.58 -1.38
C ILE A 181 -1.40 5.81 -2.46
N ALA A 182 -1.68 6.16 -3.72
CA ALA A 182 -0.94 5.60 -4.84
C ALA A 182 -0.51 6.73 -5.79
N GLY A 183 0.79 6.78 -6.08
CA GLY A 183 1.31 7.82 -6.92
C GLY A 183 2.22 7.29 -8.01
N ASN A 184 2.21 7.99 -9.15
CA ASN A 184 3.22 7.84 -10.19
C ASN A 184 3.97 9.16 -10.26
N GLY A 185 5.25 9.10 -10.58
CA GLY A 185 6.06 10.30 -10.51
C GLY A 185 7.22 10.37 -11.47
N GLY A 186 7.16 11.33 -12.38
CA GLY A 186 8.30 11.74 -13.16
C GLY A 186 8.76 10.72 -14.17
N TRP A 187 9.95 10.95 -14.71
CA TRP A 187 10.54 10.01 -15.66
C TRP A 187 11.46 9.06 -14.89
N TYR A 188 10.89 8.35 -13.92
CA TYR A 188 11.66 7.48 -13.05
C TYR A 188 11.33 6.01 -13.31
N GLY A 189 10.70 5.75 -14.45
CA GLY A 189 10.35 4.39 -14.84
C GLY A 189 11.37 3.80 -15.80
N TYR A 190 10.90 3.12 -16.82
CA TYR A 190 11.79 2.41 -17.73
C TYR A 190 12.41 3.33 -18.77
N GLU A 191 11.77 4.48 -19.00
CA GLU A 191 12.21 5.40 -20.05
C GLU A 191 12.54 6.80 -19.53
N ARG A 192 13.38 7.51 -20.27
CA ARG A 192 13.77 8.87 -19.95
C ARG A 192 14.00 9.67 -21.24
N PRO A 193 13.40 10.87 -21.34
CA PRO A 193 13.57 11.78 -22.48
C PRO A 193 15.04 12.03 -22.79
N VAL A 194 15.39 11.97 -24.06
CA VAL A 194 16.78 12.08 -24.46
C VAL A 194 17.32 13.48 -24.18
N LYS A 195 16.44 14.47 -24.30
CA LYS A 195 16.78 15.83 -23.90
C LYS A 195 16.29 16.04 -22.49
N SER A 196 17.13 15.68 -21.54
CA SER A 196 16.76 15.72 -20.13
C SER A 196 18.02 15.75 -19.29
N PRO A 197 18.08 16.71 -18.35
CA PRO A 197 19.25 16.95 -17.48
C PRO A 197 19.75 15.66 -16.83
N LYS A 198 21.06 15.43 -16.86
CA LYS A 198 21.64 14.24 -16.23
C LYS A 198 21.52 14.29 -14.70
N TYR A 199 21.64 15.49 -14.14
CA TYR A 199 21.70 15.63 -12.68
C TYR A 199 20.47 15.13 -11.91
N ILE A 200 19.26 15.36 -12.43
CA ILE A 200 18.04 14.94 -11.75
C ILE A 200 17.89 13.41 -11.62
N TYR A 201 18.85 12.65 -12.13
CA TYR A 201 18.81 11.18 -12.09
C TYR A 201 19.97 10.61 -11.26
N GLU A 202 20.80 11.49 -10.73
CA GLU A 202 21.88 11.14 -9.82
C GLU A 202 21.44 11.51 -8.41
N ILE A 203 21.51 10.55 -7.49
CA ILE A 203 21.04 10.78 -6.12
C ILE A 203 21.82 11.88 -5.41
N GLY A 204 21.11 12.65 -4.59
CA GLY A 204 21.72 13.69 -3.78
C GLY A 204 21.67 15.07 -4.40
N ASN A 205 20.94 15.20 -5.50
CA ASN A 205 20.83 16.47 -6.20
C ASN A 205 19.46 17.12 -5.98
N GLY A 206 18.73 16.63 -4.99
CA GLY A 206 17.52 17.27 -4.51
C GLY A 206 16.25 17.08 -5.32
N VAL A 207 16.31 16.24 -6.35
CA VAL A 207 15.13 15.97 -7.17
C VAL A 207 14.97 14.47 -7.42
N ASP A 208 13.89 13.90 -6.89
CA ASP A 208 13.64 12.47 -6.98
C ASP A 208 12.25 12.09 -6.50
N LEU A 209 11.89 10.83 -6.72
CA LEU A 209 10.59 10.28 -6.35
C LEU A 209 10.17 10.60 -4.91
N VAL A 210 11.07 10.40 -3.97
CA VAL A 210 10.80 10.62 -2.55
C VAL A 210 10.70 12.11 -2.20
N THR A 211 11.75 12.84 -2.53
CA THR A 211 11.87 14.25 -2.17
C THR A 211 10.80 15.10 -2.83
N THR A 212 10.45 14.75 -4.05
CA THR A 212 9.56 15.58 -4.85
C THR A 212 8.11 15.10 -4.89
N THR A 213 7.84 14.04 -5.65
CA THR A 213 6.49 13.53 -5.81
C THR A 213 5.87 13.21 -4.46
N PHE A 214 6.59 12.44 -3.66
CA PHE A 214 6.14 12.02 -2.35
C PHE A 214 6.18 13.15 -1.32
N GLY A 215 7.22 13.99 -1.39
CA GLY A 215 7.27 15.18 -0.57
C GLY A 215 6.01 16.02 -0.68
N HIS A 216 5.69 16.45 -1.89
CA HIS A 216 4.50 17.28 -2.09
C HIS A 216 3.22 16.60 -1.60
N THR A 217 3.12 15.31 -1.86
CA THR A 217 1.89 14.58 -1.59
C THR A 217 1.70 14.32 -0.11
N ILE A 218 2.74 13.80 0.55
CA ILE A 218 2.63 13.50 1.97
C ILE A 218 2.41 14.77 2.77
N ASP A 219 2.91 15.89 2.25
CA ASP A 219 2.69 17.17 2.91
C ASP A 219 1.22 17.56 2.90
N ILE A 220 0.61 17.53 1.72
CA ILE A 220 -0.79 17.90 1.63
C ILE A 220 -1.61 16.94 2.45
N LEU A 221 -1.16 15.69 2.54
CA LEU A 221 -1.87 14.72 3.39
C LEU A 221 -1.89 15.17 4.84
N GLN A 222 -0.70 15.46 5.38
CA GLN A 222 -0.60 15.94 6.75
C GLN A 222 -1.40 17.23 6.94
N TYR A 223 -1.39 18.07 5.92
CA TYR A 223 -2.11 19.34 5.95
C TYR A 223 -3.63 19.18 5.91
N MET A 224 -4.13 18.24 5.09
CA MET A 224 -5.57 18.00 5.02
C MET A 224 -6.13 17.40 6.29
N THR A 225 -5.34 16.53 6.90
CA THR A 225 -5.76 15.80 8.07
C THR A 225 -5.30 16.48 9.37
N SER A 226 -4.63 17.62 9.23
CA SER A 226 -4.09 18.34 10.38
C SER A 226 -3.39 17.42 11.36
N SER A 227 -2.50 16.58 10.86
CA SER A 227 -1.72 15.71 11.72
C SER A 227 -0.34 15.38 11.13
N TYR A 228 0.65 15.23 12.01
CA TYR A 228 1.94 14.66 11.64
C TYR A 228 1.97 13.16 11.93
N PHE A 229 3.03 12.49 11.52
CA PHE A 229 3.19 11.06 11.76
C PHE A 229 3.86 10.83 13.10
N SER A 230 3.61 9.67 13.70
CA SER A 230 4.38 9.26 14.86
C SER A 230 5.39 8.19 14.50
N ARG A 231 4.94 7.14 13.83
CA ARG A 231 5.85 6.08 13.39
C ARG A 231 5.75 5.89 11.90
N ILE A 232 6.86 5.54 11.25
CA ILE A 232 6.85 5.30 9.81
C ILE A 232 7.82 4.17 9.45
N ASN A 233 7.57 3.53 8.30
CA ASN A 233 8.53 2.59 7.73
C ASN A 233 8.53 2.67 6.23
N ALA A 234 9.72 2.67 5.64
CA ALA A 234 9.87 2.89 4.22
C ALA A 234 10.81 1.88 3.60
N MET A 235 10.46 1.44 2.39
CA MET A 235 11.40 0.71 1.56
C MET A 235 11.54 1.47 0.26
N VAL A 236 12.78 1.75 -0.12
CA VAL A 236 13.11 2.50 -1.32
C VAL A 236 13.84 1.62 -2.33
N PHE A 237 13.47 1.71 -3.61
CA PHE A 237 13.98 0.79 -4.62
C PHE A 237 14.72 1.47 -5.78
N ASN A 238 15.75 0.81 -6.28
CA ASN A 238 16.29 1.10 -7.60
C ASN A 238 16.34 -0.16 -8.47
N ASN A 239 15.18 -0.71 -8.78
CA ASN A 239 15.06 -1.93 -9.59
C ASN A 239 15.30 -1.66 -11.06
N ILE A 240 15.38 -0.38 -11.41
CA ILE A 240 15.66 0.05 -12.78
C ILE A 240 16.91 0.93 -12.81
N PRO A 241 18.10 0.32 -12.72
CA PRO A 241 19.38 1.04 -12.69
C PRO A 241 19.75 1.60 -14.06
N GLU A 242 19.24 0.99 -15.12
CA GLU A 242 19.47 1.48 -16.47
C GLU A 242 18.14 1.82 -17.14
N GLN A 243 18.07 3.01 -17.71
CA GLN A 243 16.84 3.45 -18.39
C GLN A 243 16.97 3.51 -19.90
N GLU A 244 15.84 3.29 -20.57
CA GLU A 244 15.80 3.36 -22.02
C GLU A 244 15.48 4.77 -22.47
N LEU A 245 16.44 5.39 -23.18
CA LEU A 245 16.25 6.68 -23.79
C LEU A 245 15.16 6.68 -24.86
N ILE A 246 14.47 7.78 -24.99
CA ILE A 246 13.43 7.92 -26.00
C ILE A 246 13.41 9.31 -26.61
N ASP A 247 12.87 9.41 -27.82
CA ASP A 247 12.76 10.68 -28.53
C ASP A 247 11.49 11.42 -28.15
N GLU A 248 11.05 12.30 -29.04
CA GLU A 248 9.85 13.08 -28.81
C GLU A 248 8.62 12.35 -29.32
N ARG A 249 8.83 11.50 -30.33
CA ARG A 249 7.76 10.65 -30.86
C ARG A 249 7.27 9.68 -29.79
N GLY A 250 8.14 9.37 -28.83
CA GLY A 250 7.83 8.40 -27.80
C GLY A 250 8.41 7.04 -28.12
N ASN A 251 9.38 7.01 -29.03
CA ASN A 251 10.01 5.77 -29.45
C ASN A 251 11.39 5.59 -28.84
N ARG A 252 11.76 4.35 -28.58
CA ARG A 252 13.05 4.05 -27.96
C ARG A 252 14.20 4.19 -28.95
N LEU A 253 15.30 4.78 -28.47
CA LEU A 253 16.45 5.05 -29.33
C LEU A 253 17.51 3.98 -29.19
N GLY A 254 17.12 2.82 -28.66
CA GLY A 254 18.04 1.73 -28.45
C GLY A 254 19.28 2.17 -27.68
N GLN A 255 19.07 2.99 -26.65
CA GLN A 255 20.16 3.48 -25.84
C GLN A 255 19.82 3.52 -24.36
N ARG A 256 20.77 3.13 -23.52
CA ARG A 256 20.55 3.01 -22.08
C ARG A 256 21.40 3.96 -21.25
N VAL A 257 20.82 4.48 -20.17
CA VAL A 257 21.52 5.40 -19.27
C VAL A 257 21.33 5.03 -17.82
N PRO A 258 22.38 5.25 -17.01
CA PRO A 258 22.35 4.90 -15.59
C PRO A 258 21.42 5.83 -14.82
N LYS A 259 20.77 5.30 -13.80
CA LYS A 259 19.91 6.08 -12.94
C LYS A 259 20.08 5.61 -11.51
N THR A 260 20.58 6.49 -10.65
CA THR A 260 20.77 6.12 -9.25
C THR A 260 19.65 6.59 -8.31
N VAL A 261 18.77 7.45 -8.81
CA VAL A 261 17.57 7.82 -8.06
C VAL A 261 16.55 6.68 -8.12
N PRO A 262 15.63 6.64 -7.14
CA PRO A 262 14.69 5.53 -6.96
C PRO A 262 13.57 5.45 -8.00
N ASP A 263 13.10 4.23 -8.28
CA ASP A 263 11.98 3.98 -9.17
C ASP A 263 10.71 3.50 -8.44
N HIS A 264 10.85 3.19 -7.16
N HIS A 264 10.84 3.17 -7.16
CA HIS A 264 9.71 2.77 -6.33
CA HIS A 264 9.66 2.84 -6.35
C HIS A 264 9.90 3.16 -4.87
C HIS A 264 9.88 3.15 -4.88
N LEU A 265 8.80 3.55 -4.23
CA LEU A 265 8.82 3.84 -2.81
C LEU A 265 7.62 3.16 -2.17
N LEU A 266 7.87 2.33 -1.15
CA LEU A 266 6.83 1.81 -0.27
C LEU A 266 6.87 2.59 1.04
N PHE A 267 5.72 3.05 1.50
CA PHE A 267 5.67 3.82 2.73
C PHE A 267 4.43 3.48 3.54
N GLN A 268 4.62 3.18 4.81
CA GLN A 268 3.49 3.04 5.72
C GLN A 268 3.79 3.75 7.02
N GLY A 269 2.75 4.24 7.69
CA GLY A 269 2.95 4.98 8.92
C GLY A 269 1.67 5.20 9.69
N THR A 270 1.77 5.99 10.76
CA THR A 270 0.60 6.32 11.55
C THR A 270 0.56 7.81 11.81
N LEU A 271 -0.63 8.37 11.71
CA LEU A 271 -0.83 9.77 12.05
C LEU A 271 -0.97 9.89 13.55
N LEU A 272 -0.39 10.95 14.13
CA LEU A 272 -0.51 11.21 15.56
C LEU A 272 -1.98 11.29 16.00
N ASN A 273 -2.72 12.19 15.37
CA ASN A 273 -4.14 12.33 15.65
C ASN A 273 -4.90 11.08 15.24
N GLY A 274 -5.24 10.26 16.22
CA GLY A 274 -6.10 9.10 15.99
C GLY A 274 -5.33 7.83 15.68
N ASN A 275 -4.01 7.92 15.61
CA ASN A 275 -3.18 6.78 15.25
C ASN A 275 -3.66 6.10 13.96
N VAL A 276 -4.00 6.92 12.96
CA VAL A 276 -4.50 6.43 11.68
C VAL A 276 -3.45 5.75 10.82
N PRO A 277 -3.76 4.53 10.34
CA PRO A 277 -2.92 3.74 9.44
C PRO A 277 -2.87 4.34 8.05
N VAL A 278 -1.68 4.45 7.48
CA VAL A 278 -1.47 5.06 6.19
C VAL A 278 -0.62 4.16 5.30
N SER A 279 -1.20 3.67 4.22
CA SER A 279 -0.49 2.82 3.27
C SER A 279 -0.23 3.58 1.98
N CYS A 280 1.03 3.61 1.55
N CYS A 280 1.01 3.53 1.52
CA CYS A 280 1.41 4.39 0.39
CA CYS A 280 1.48 4.38 0.44
C CYS A 280 2.34 3.62 -0.55
C CYS A 280 2.36 3.61 -0.55
N SER A 281 2.10 3.79 -1.84
CA SER A 281 2.94 3.21 -2.87
C SER A 281 3.20 4.25 -3.96
N PHE A 282 4.47 4.46 -4.28
CA PHE A 282 4.85 5.39 -5.34
C PHE A 282 5.71 4.72 -6.41
N LYS A 283 5.32 4.91 -7.66
CA LYS A 283 5.93 4.21 -8.79
C LYS A 283 6.57 5.25 -9.70
N GLY A 284 7.53 4.85 -10.52
CA GLY A 284 8.24 5.79 -11.39
C GLY A 284 7.58 6.14 -12.71
N GLY A 285 6.65 5.29 -13.16
CA GLY A 285 5.98 5.44 -14.44
C GLY A 285 5.38 6.79 -14.83
N LYS A 286 4.43 6.76 -15.76
CA LYS A 286 4.06 8.00 -16.43
C LYS A 286 2.64 8.23 -16.97
N LYS A 293 -2.42 6.18 -13.34
CA LYS A 293 -3.42 7.20 -13.09
C LYS A 293 -2.69 8.02 -12.03
N ASN A 294 -2.04 9.11 -12.47
CA ASN A 294 -1.15 9.90 -11.64
C ASN A 294 -1.28 9.67 -10.14
N LEU A 295 -2.46 9.94 -9.60
CA LEU A 295 -2.59 10.06 -8.16
C LEU A 295 -3.96 9.69 -7.61
N VAL A 296 -3.96 8.90 -6.55
CA VAL A 296 -5.18 8.61 -5.80
C VAL A 296 -4.91 8.69 -4.32
N ILE A 297 -5.68 9.53 -3.62
CA ILE A 297 -5.62 9.60 -2.17
C ILE A 297 -6.96 9.21 -1.60
N ASP A 298 -7.01 8.06 -0.93
CA ASP A 298 -8.26 7.53 -0.40
C ASP A 298 -8.32 7.67 1.11
N ILE A 299 -9.22 8.53 1.56
CA ILE A 299 -9.40 8.75 2.99
C ILE A 299 -10.72 8.16 3.46
N HIS A 300 -10.64 7.13 4.30
CA HIS A 300 -11.82 6.45 4.79
C HIS A 300 -12.23 6.92 6.18
N GLY A 301 -13.37 7.60 6.27
CA GLY A 301 -13.87 8.11 7.52
C GLY A 301 -14.99 7.25 8.07
N THR A 302 -15.43 7.54 9.28
CA THR A 302 -16.50 6.77 9.91
C THR A 302 -17.86 7.06 9.27
N LYS A 303 -18.04 8.26 8.74
CA LYS A 303 -19.32 8.64 8.13
C LYS A 303 -19.27 8.62 6.60
N ARG A 304 -18.12 8.95 6.01
CA ARG A 304 -17.97 8.97 4.55
C ARG A 304 -16.55 8.64 4.09
N ASP A 305 -16.44 8.27 2.81
CA ASP A 305 -15.14 8.14 2.15
C ASP A 305 -14.85 9.40 1.33
N LEU A 306 -13.59 9.77 1.27
CA LEU A 306 -13.17 10.92 0.50
C LEU A 306 -12.00 10.46 -0.37
N LYS A 307 -12.06 10.78 -1.66
CA LYS A 307 -11.01 10.39 -2.60
C LYS A 307 -10.52 11.62 -3.39
N LEU A 308 -9.21 11.80 -3.47
CA LEU A 308 -8.63 12.84 -4.31
C LEU A 308 -7.84 12.20 -5.46
N GLU A 309 -8.08 12.67 -6.67
CA GLU A 309 -7.42 12.12 -7.86
C GLU A 309 -6.80 13.20 -8.75
N GLY A 310 -5.88 12.80 -9.62
CA GLY A 310 -5.28 13.73 -10.56
C GLY A 310 -4.82 13.02 -11.81
N ASP A 311 -4.24 13.79 -12.73
CA ASP A 311 -3.57 13.20 -13.89
C ASP A 311 -2.40 14.06 -14.38
N ALA A 315 1.00 15.27 -10.86
CA ALA A 315 0.76 14.97 -9.45
C ALA A 315 0.04 16.16 -8.84
N GLU A 316 -0.58 16.97 -9.70
CA GLU A 316 -1.40 18.10 -9.30
C GLU A 316 -2.89 17.74 -9.36
N ILE A 317 -3.52 17.65 -8.19
CA ILE A 317 -4.90 17.20 -8.01
C ILE A 317 -5.96 17.87 -8.91
N SER A 318 -6.82 17.05 -9.48
CA SER A 318 -7.80 17.51 -10.48
C SER A 318 -9.23 17.36 -9.99
N ASN A 319 -9.44 16.50 -9.00
CA ASN A 319 -10.76 15.95 -8.79
C ASN A 319 -10.99 15.33 -7.40
N LEU A 320 -12.03 15.79 -6.73
CA LEU A 320 -12.37 15.34 -5.38
C LEU A 320 -13.70 14.59 -5.36
N VAL A 321 -13.71 13.38 -4.81
CA VAL A 321 -14.92 12.56 -4.78
C VAL A 321 -15.34 12.23 -3.35
N LEU A 322 -16.65 12.33 -3.09
CA LEU A 322 -17.25 12.01 -1.79
C LEU A 322 -18.21 10.85 -1.93
N TYR A 323 -18.10 9.87 -1.03
CA TYR A 323 -18.98 8.71 -1.04
C TYR A 323 -19.74 8.57 0.29
N TYR A 324 -21.07 8.43 0.22
CA TYR A 324 -21.88 8.17 1.42
C TYR A 324 -23.12 7.29 1.19
N SER A 325 -24.03 7.27 2.17
CA SER A 325 -25.13 6.31 2.17
C SER A 325 -26.47 6.81 2.69
N GLY A 349 -31.62 2.61 1.48
CA GLY A 349 -31.42 1.47 0.60
C GLY A 349 -30.68 2.00 -0.62
N LYS A 350 -29.94 3.08 -0.40
CA LYS A 350 -29.43 3.92 -1.48
C LYS A 350 -28.03 4.47 -1.22
N GLU A 351 -27.23 4.57 -2.28
CA GLU A 351 -25.84 5.03 -2.20
C GLU A 351 -25.61 6.34 -2.96
N ILE A 352 -24.72 7.20 -2.46
CA ILE A 352 -24.45 8.49 -3.10
C ILE A 352 -22.97 8.75 -3.38
N MET A 353 -22.67 9.16 -4.61
CA MET A 353 -21.34 9.61 -4.95
C MET A 353 -21.40 11.06 -5.44
N GLU A 354 -20.54 11.90 -4.90
CA GLU A 354 -20.52 13.32 -5.25
C GLU A 354 -19.14 13.77 -5.74
N VAL A 355 -19.11 14.42 -6.89
CA VAL A 355 -17.85 14.81 -7.50
C VAL A 355 -17.69 16.32 -7.57
N TYR A 356 -16.61 16.81 -6.97
CA TYR A 356 -16.28 18.24 -6.99
C TYR A 356 -15.13 18.49 -7.98
N HIS A 357 -15.46 19.13 -9.10
CA HIS A 357 -14.51 19.41 -10.17
C HIS A 357 -14.69 20.83 -10.69
N LEU A 358 -13.67 21.67 -10.50
CA LEU A 358 -13.65 23.00 -11.08
C LEU A 358 -13.34 22.88 -12.57
N ARG A 359 -13.95 23.72 -13.39
CA ARG A 359 -13.59 23.71 -14.79
C ARG A 359 -12.75 24.93 -15.19
N ASN A 360 -11.89 24.72 -16.18
CA ASN A 360 -10.86 25.68 -16.51
C ASN A 360 -10.20 26.26 -15.26
N TYR A 361 -9.68 25.36 -14.43
CA TYR A 361 -8.73 25.75 -13.41
C TYR A 361 -7.39 25.11 -13.76
N ASN A 362 -6.41 25.92 -14.12
CA ASN A 362 -5.06 25.41 -14.32
C ASN A 362 -4.29 25.35 -13.00
N ALA A 363 -4.11 24.13 -12.49
CA ALA A 363 -3.49 23.91 -11.19
C ALA A 363 -2.01 24.30 -11.14
N ILE A 364 -1.34 24.17 -12.28
CA ILE A 364 0.08 24.52 -12.36
C ILE A 364 0.32 25.99 -12.02
N VAL A 365 -0.41 26.89 -12.70
CA VAL A 365 -0.23 28.32 -12.49
C VAL A 365 -1.17 28.82 -11.42
N GLY A 366 -2.27 28.09 -11.22
CA GLY A 366 -3.32 28.50 -10.31
C GLY A 366 -2.92 28.40 -8.85
N ASN A 367 -2.25 27.31 -8.50
CA ASN A 367 -1.80 27.12 -7.14
C ASN A 367 -0.65 28.07 -6.81
N ILE A 368 0.24 28.29 -7.76
CA ILE A 368 1.29 29.28 -7.56
C ILE A 368 0.71 30.70 -7.49
N HIS A 369 -0.24 30.98 -8.38
CA HIS A 369 -0.96 32.24 -8.32
C HIS A 369 -1.50 32.46 -6.92
N ARG A 370 -2.18 31.44 -6.39
CA ARG A 370 -2.86 31.57 -5.11
C ARG A 370 -1.88 31.77 -3.96
N LEU A 371 -0.65 31.28 -4.15
CA LEU A 371 0.40 31.48 -3.15
C LEU A 371 0.87 32.94 -3.09
N TYR A 372 1.04 33.56 -4.25
CA TYR A 372 1.35 34.99 -4.32
C TYR A 372 0.20 35.84 -3.75
N GLN A 373 -1.02 35.40 -4.01
CA GLN A 373 -2.18 36.09 -3.49
C GLN A 373 -2.10 36.19 -1.96
N SER A 374 -1.88 35.05 -1.30
CA SER A 374 -1.86 35.00 0.15
C SER A 374 -0.68 35.76 0.76
N ILE A 375 0.39 35.89 -0.02
CA ILE A 375 1.54 36.69 0.37
C ILE A 375 1.21 38.17 0.26
N SER A 376 0.44 38.50 -0.78
CA SER A 376 -0.01 39.87 -0.99
C SER A 376 -0.95 40.27 0.14
N ASP A 377 -2.01 39.49 0.32
CA ASP A 377 -2.95 39.72 1.41
C ASP A 377 -2.18 39.95 2.70
N PHE A 378 -1.20 39.10 2.95
CA PHE A 378 -0.41 39.17 4.18
C PHE A 378 0.33 40.50 4.36
N HIS A 379 1.09 40.90 3.34
CA HIS A 379 1.84 42.14 3.39
C HIS A 379 0.96 43.38 3.59
N PHE A 380 -0.33 43.26 3.27
CA PHE A 380 -1.17 44.44 3.16
C PHE A 380 -2.24 44.64 4.24
N ASN A 381 -2.92 43.57 4.65
CA ASN A 381 -4.08 43.72 5.54
C ASN A 381 -3.83 43.34 6.98
N THR A 382 -2.88 42.43 7.20
CA THR A 382 -2.76 41.74 8.47
C THR A 382 -1.45 42.03 9.19
N PRO A 389 0.11 38.16 13.54
CA PRO A 389 1.44 38.49 14.04
C PRO A 389 2.17 39.08 12.84
N SER A 390 3.25 39.84 13.05
CA SER A 390 3.95 40.48 11.93
C SER A 390 4.58 39.41 11.04
N GLN A 391 5.05 38.33 11.66
CA GLN A 391 5.46 37.13 10.96
C GLN A 391 5.16 35.89 11.83
N PHE A 392 5.23 34.71 11.24
CA PHE A 392 5.03 33.48 12.01
C PHE A 392 6.18 32.48 11.84
N VAL A 393 6.23 31.48 12.72
CA VAL A 393 7.18 30.40 12.58
C VAL A 393 6.83 29.56 11.37
N MET A 394 5.54 29.24 11.25
CA MET A 394 5.09 28.22 10.33
C MET A 394 3.59 28.27 10.17
N GLN A 395 3.11 27.75 9.04
CA GLN A 395 1.67 27.66 8.81
C GLN A 395 1.06 26.53 9.63
N GLY A 396 1.82 25.46 9.84
CA GLY A 396 1.30 24.29 10.49
C GLY A 396 0.07 23.80 9.75
N PHE A 397 -1.07 23.74 10.44
CA PHE A 397 -2.28 23.29 9.82
C PHE A 397 -3.30 24.41 9.62
N ASP A 398 -2.84 25.65 9.78
CA ASP A 398 -3.71 26.81 9.58
C ASP A 398 -4.14 26.94 8.13
N PHE A 399 -5.34 27.46 7.90
CA PHE A 399 -5.85 27.70 6.56
C PHE A 399 -5.18 28.90 5.92
N GLU A 400 -5.15 29.99 6.69
CA GLU A 400 -4.62 31.26 6.21
C GLU A 400 -3.10 31.32 6.32
N GLY A 401 -2.50 32.22 5.56
CA GLY A 401 -1.06 32.31 5.51
C GLY A 401 -0.55 31.39 4.43
N PHE A 402 0.72 31.02 4.55
CA PHE A 402 1.37 30.22 3.53
C PHE A 402 2.44 29.35 4.18
N PRO A 403 2.89 28.32 3.47
CA PRO A 403 3.95 27.48 4.01
C PRO A 403 5.26 28.28 4.11
N THR A 404 6.04 28.03 5.16
CA THR A 404 7.32 28.72 5.36
C THR A 404 8.49 27.75 5.35
N LEU A 405 9.70 28.29 5.48
CA LEU A 405 10.86 27.45 5.52
C LEU A 405 10.79 26.47 6.70
N MET A 406 10.09 26.83 7.75
CA MET A 406 9.93 25.93 8.88
C MET A 406 9.09 24.73 8.49
N ASP A 407 8.04 24.97 7.72
CA ASP A 407 7.24 23.89 7.17
C ASP A 407 8.07 23.00 6.25
N ALA A 408 8.94 23.61 5.45
CA ALA A 408 9.80 22.86 4.54
C ALA A 408 10.80 22.03 5.32
N LEU A 409 11.30 22.60 6.40
CA LEU A 409 12.27 21.91 7.23
C LEU A 409 11.67 20.64 7.81
N ILE A 410 10.51 20.77 8.43
CA ILE A 410 9.81 19.61 8.98
C ILE A 410 9.65 18.53 7.91
N LEU A 411 9.30 18.93 6.70
CA LEU A 411 9.18 18.01 5.59
C LEU A 411 10.51 17.32 5.23
N HIS A 412 11.59 18.10 5.14
CA HIS A 412 12.92 17.54 4.90
C HIS A 412 13.28 16.52 5.98
N ARG A 413 12.85 16.81 7.20
CA ARG A 413 13.08 15.91 8.31
C ARG A 413 12.34 14.59 8.14
N LEU A 414 11.10 14.67 7.67
CA LEU A 414 10.37 13.44 7.37
C LEU A 414 11.01 12.68 6.21
N ILE A 415 11.47 13.41 5.19
CA ILE A 415 12.09 12.75 4.04
C ILE A 415 13.39 12.07 4.45
N GLU A 416 14.10 12.69 5.36
CA GLU A 416 15.33 12.11 5.85
C GLU A 416 15.02 10.81 6.61
N SER A 417 13.95 10.85 7.40
CA SER A 417 13.55 9.66 8.13
C SER A 417 13.22 8.52 7.17
N VAL A 418 12.52 8.84 6.08
CA VAL A 418 12.14 7.83 5.09
C VAL A 418 13.38 7.06 4.64
N TYR A 419 14.42 7.80 4.26
CA TYR A 419 15.67 7.17 3.86
C TYR A 419 16.38 6.45 5.02
N LYS A 420 16.27 7.02 6.21
CA LYS A 420 16.90 6.41 7.37
C LYS A 420 16.22 5.06 7.67
N SER A 421 14.89 5.04 7.69
CA SER A 421 14.14 3.79 7.89
C SER A 421 14.54 2.71 6.89
N ASN A 422 14.74 3.11 5.64
CA ASN A 422 15.08 2.14 4.60
C ASN A 422 16.46 1.57 4.85
N MET A 423 17.36 2.41 5.33
CA MET A 423 18.74 1.99 5.59
C MET A 423 18.83 1.14 6.85
N MET A 424 18.34 1.68 7.96
N MET A 424 18.32 1.66 7.97
CA MET A 424 18.32 0.98 9.24
CA MET A 424 18.37 0.94 9.23
C MET A 424 17.55 -0.33 9.08
C MET A 424 17.41 -0.25 9.23
N GLY A 425 16.48 -0.26 8.29
CA GLY A 425 15.58 -1.39 8.15
C GLY A 425 14.72 -1.55 9.37
N SER A 426 14.13 -0.46 9.84
CA SER A 426 13.25 -0.52 10.99
C SER A 426 12.26 0.63 11.01
N THR A 427 11.14 0.40 11.70
CA THR A 427 10.15 1.44 11.91
C THR A 427 10.74 2.52 12.82
N LEU A 428 10.43 3.77 12.52
CA LEU A 428 11.02 4.89 13.25
C LEU A 428 9.98 5.76 13.92
N ASN A 429 10.35 6.34 15.06
CA ASN A 429 9.51 7.33 15.71
C ASN A 429 9.83 8.73 15.26
N VAL A 430 8.87 9.34 14.58
CA VAL A 430 9.05 10.63 13.95
C VAL A 430 8.13 11.68 14.55
N SER A 431 7.50 11.33 15.66
CA SER A 431 6.51 12.21 16.25
C SER A 431 7.10 13.51 16.82
N ASN A 432 8.43 13.61 16.91
CA ASN A 432 9.08 14.83 17.42
C ASN A 432 9.66 15.79 16.39
N ILE A 433 9.55 15.46 15.10
CA ILE A 433 10.26 16.22 14.09
C ILE A 433 9.61 17.56 13.83
N SER A 434 8.44 17.75 14.42
CA SER A 434 7.76 19.03 14.28
C SER A 434 8.10 19.98 15.42
N HIS A 435 9.00 19.54 16.31
CA HIS A 435 9.40 20.36 17.46
C HIS A 435 10.88 20.68 17.47
N TYR A 436 11.70 19.79 16.91
CA TYR A 436 13.14 19.94 16.97
C TYR A 436 13.89 18.92 16.11
N SER A 437 15.19 19.14 15.97
CA SER A 437 16.07 18.35 15.09
C SER A 437 15.72 16.87 15.04
N LEU A 438 16.07 16.23 13.93
CA LEU A 438 15.65 14.85 13.69
C LEU A 438 15.99 13.91 14.85
N ALA B 18 -8.71 -47.75 -8.48
CA ALA B 18 -9.74 -48.78 -8.49
C ALA B 18 -10.98 -48.35 -7.70
N ALA B 19 -10.88 -48.47 -6.37
CA ALA B 19 -12.02 -48.22 -5.48
C ALA B 19 -11.98 -46.84 -4.83
N PRO B 20 -13.15 -46.35 -4.39
CA PRO B 20 -13.26 -45.02 -3.78
C PRO B 20 -12.37 -44.84 -2.56
N ILE B 21 -12.09 -43.58 -2.26
CA ILE B 21 -11.27 -43.20 -1.11
C ILE B 21 -12.12 -43.11 0.17
N ARG B 22 -11.77 -43.94 1.15
CA ARG B 22 -12.50 -43.98 2.41
C ARG B 22 -12.11 -42.82 3.34
N VAL B 23 -13.07 -41.95 3.61
CA VAL B 23 -12.80 -40.72 4.37
C VAL B 23 -13.32 -40.76 5.79
N GLY B 24 -12.43 -40.57 6.75
CA GLY B 24 -12.80 -40.40 8.14
C GLY B 24 -12.83 -38.92 8.49
N PHE B 25 -13.95 -38.48 9.08
CA PHE B 25 -14.14 -37.07 9.40
C PHE B 25 -14.15 -36.74 10.89
N VAL B 26 -13.32 -35.79 11.26
CA VAL B 26 -13.43 -35.12 12.57
C VAL B 26 -13.85 -33.68 12.33
N GLY B 27 -15.10 -33.36 12.69
CA GLY B 27 -15.61 -32.01 12.50
C GLY B 27 -16.76 -31.95 11.51
N LEU B 28 -17.14 -33.09 10.94
CA LEU B 28 -18.34 -33.10 10.11
C LEU B 28 -19.59 -33.14 10.97
N ASN B 29 -20.45 -32.17 10.78
CA ASN B 29 -21.67 -32.02 11.57
C ASN B 29 -22.78 -31.47 10.69
N ALA B 30 -23.87 -32.21 10.60
CA ALA B 30 -24.98 -31.86 9.71
C ALA B 30 -25.73 -30.60 10.15
N ALA B 31 -25.64 -30.28 11.43
CA ALA B 31 -26.35 -29.14 12.00
C ALA B 31 -25.64 -27.82 11.70
N LYS B 32 -24.30 -27.83 11.79
CA LYS B 32 -23.53 -26.60 11.72
C LYS B 32 -22.09 -26.83 11.27
N GLY B 33 -21.38 -25.74 10.98
CA GLY B 33 -19.96 -25.82 10.72
C GLY B 33 -19.57 -25.58 9.28
N TRP B 34 -18.26 -25.52 9.07
CA TRP B 34 -17.66 -25.29 7.76
C TRP B 34 -17.73 -26.52 6.87
N ALA B 35 -17.48 -27.69 7.45
CA ALA B 35 -17.35 -28.93 6.68
C ALA B 35 -18.66 -29.36 6.03
N ILE B 36 -19.78 -28.99 6.62
CA ILE B 36 -21.08 -29.41 6.09
C ILE B 36 -21.43 -28.58 4.85
N LYS B 37 -20.95 -27.34 4.83
CA LYS B 37 -21.28 -26.43 3.74
C LYS B 37 -20.37 -26.64 2.54
N THR B 38 -19.18 -27.18 2.79
CA THR B 38 -18.16 -27.22 1.76
C THR B 38 -17.63 -28.62 1.45
N HIS B 39 -17.04 -29.25 2.46
CA HIS B 39 -16.42 -30.56 2.28
C HIS B 39 -17.44 -31.60 1.86
N TYR B 40 -18.58 -31.63 2.56
CA TYR B 40 -19.59 -32.65 2.29
C TYR B 40 -20.14 -32.52 0.86
N PRO B 41 -20.67 -31.34 0.51
CA PRO B 41 -21.20 -31.19 -0.86
C PRO B 41 -20.23 -31.68 -1.92
N ALA B 42 -18.93 -31.53 -1.69
CA ALA B 42 -17.91 -32.01 -2.62
C ALA B 42 -17.88 -33.53 -2.67
N ILE B 43 -17.69 -34.14 -1.50
CA ILE B 43 -17.68 -35.59 -1.36
C ILE B 43 -18.97 -36.21 -1.88
N LEU B 44 -20.04 -35.43 -1.85
CA LEU B 44 -21.33 -35.88 -2.36
C LEU B 44 -21.28 -35.99 -3.88
N GLN B 45 -20.81 -34.92 -4.51
CA GLN B 45 -20.68 -34.88 -5.96
C GLN B 45 -19.75 -35.98 -6.48
N LEU B 46 -18.70 -36.26 -5.71
CA LEU B 46 -17.65 -37.18 -6.15
C LEU B 46 -17.74 -38.53 -5.47
N SER B 47 -18.95 -39.06 -5.42
CA SER B 47 -19.23 -40.35 -4.78
C SER B 47 -18.44 -41.51 -5.41
N SER B 48 -18.13 -41.39 -6.70
CA SER B 48 -17.39 -42.43 -7.40
C SER B 48 -15.97 -42.55 -6.87
N GLN B 49 -15.52 -41.54 -6.13
CA GLN B 49 -14.13 -41.42 -5.76
C GLN B 49 -13.90 -41.21 -4.27
N PHE B 50 -14.93 -40.78 -3.56
CA PHE B 50 -14.82 -40.53 -2.13
C PHE B 50 -15.98 -41.13 -1.38
N GLN B 51 -15.68 -41.77 -0.25
CA GLN B 51 -16.72 -42.32 0.61
C GLN B 51 -16.39 -42.11 2.08
N ILE B 52 -17.34 -41.52 2.81
CA ILE B 52 -17.19 -41.34 4.25
C ILE B 52 -17.49 -42.64 5.00
N THR B 53 -16.49 -43.13 5.74
CA THR B 53 -16.61 -44.39 6.45
C THR B 53 -16.56 -44.23 7.97
N ALA B 54 -16.22 -43.03 8.44
CA ALA B 54 -15.95 -42.84 9.86
C ALA B 54 -16.12 -41.39 10.35
N LEU B 55 -16.93 -41.20 11.39
CA LEU B 55 -17.05 -39.90 12.04
C LEU B 55 -16.59 -39.97 13.48
N TYR B 56 -15.99 -38.90 13.97
CA TYR B 56 -15.73 -38.75 15.39
C TYR B 56 -16.11 -37.36 15.90
N SER B 57 -16.91 -37.34 16.96
CA SER B 57 -17.21 -36.13 17.70
C SER B 57 -16.93 -36.43 19.16
N PRO B 58 -16.83 -35.38 20.00
CA PRO B 58 -16.67 -35.66 21.43
C PRO B 58 -17.94 -36.34 21.93
N LYS B 59 -19.07 -35.89 21.38
CA LYS B 59 -20.37 -36.45 21.68
C LYS B 59 -20.78 -37.41 20.57
N ILE B 60 -20.90 -38.68 20.92
CA ILE B 60 -21.19 -39.71 19.93
C ILE B 60 -22.59 -39.58 19.36
N GLU B 61 -23.49 -38.97 20.13
CA GLU B 61 -24.87 -38.78 19.70
C GLU B 61 -24.94 -37.93 18.43
N THR B 62 -24.04 -36.95 18.34
CA THR B 62 -24.04 -36.04 17.21
C THR B 62 -23.46 -36.72 15.97
N SER B 63 -22.40 -37.48 16.15
CA SER B 63 -21.83 -38.28 15.07
C SER B 63 -22.93 -39.14 14.46
N ILE B 64 -23.66 -39.84 15.32
CA ILE B 64 -24.76 -40.69 14.91
C ILE B 64 -25.88 -39.92 14.23
N ALA B 65 -26.35 -38.85 14.88
CA ALA B 65 -27.36 -37.96 14.29
C ALA B 65 -26.99 -37.56 12.86
N THR B 66 -25.71 -37.21 12.68
CA THR B 66 -25.19 -36.77 11.40
C THR B 66 -25.28 -37.87 10.34
N ILE B 67 -24.89 -39.09 10.73
CA ILE B 67 -24.93 -40.24 9.85
C ILE B 67 -26.36 -40.53 9.35
N GLN B 68 -27.35 -40.18 10.15
CA GLN B 68 -28.73 -40.46 9.77
C GLN B 68 -29.32 -39.35 8.91
N ARG B 69 -29.06 -38.10 9.28
CA ARG B 69 -29.53 -36.96 8.49
C ARG B 69 -28.96 -36.99 7.08
N LEU B 70 -27.71 -37.43 6.96
CA LEU B 70 -27.06 -37.48 5.65
C LEU B 70 -27.16 -38.86 5.00
N LYS B 71 -27.84 -39.77 5.66
CA LYS B 71 -27.97 -41.13 5.16
C LYS B 71 -26.61 -41.64 4.68
N LEU B 72 -25.61 -41.55 5.56
CA LEU B 72 -24.27 -42.05 5.26
C LEU B 72 -24.24 -43.57 5.40
N SER B 73 -24.70 -44.27 4.37
CA SER B 73 -24.92 -45.71 4.45
C SER B 73 -23.66 -46.52 4.80
N ASN B 74 -22.49 -45.88 4.82
CA ASN B 74 -21.24 -46.56 5.11
C ASN B 74 -20.50 -46.02 6.33
N ALA B 75 -21.12 -45.10 7.06
CA ALA B 75 -20.43 -44.43 8.15
C ALA B 75 -20.54 -45.14 9.50
N THR B 76 -19.41 -45.22 10.21
CA THR B 76 -19.37 -45.77 11.55
C THR B 76 -19.03 -44.68 12.54
N ALA B 77 -19.86 -44.51 13.56
CA ALA B 77 -19.64 -43.46 14.56
C ALA B 77 -18.78 -43.97 15.72
N PHE B 78 -17.49 -43.64 15.69
CA PHE B 78 -16.56 -44.02 16.76
C PHE B 78 -16.73 -43.15 17.99
N PRO B 79 -16.48 -43.72 19.18
CA PRO B 79 -16.70 -43.08 20.47
C PRO B 79 -15.48 -42.30 20.97
N THR B 80 -14.31 -42.73 20.51
CA THR B 80 -13.05 -42.14 20.98
C THR B 80 -12.08 -41.82 19.85
N LEU B 81 -11.27 -40.79 20.07
CA LEU B 81 -10.16 -40.48 19.18
C LEU B 81 -9.35 -41.77 18.98
N GLU B 82 -9.00 -42.40 20.09
CA GLU B 82 -8.26 -43.66 20.06
C GLU B 82 -8.85 -44.63 19.03
N SER B 83 -10.13 -44.95 19.19
CA SER B 83 -10.79 -45.92 18.32
C SER B 83 -10.79 -45.45 16.88
N PHE B 84 -11.21 -44.20 16.68
CA PHE B 84 -11.27 -43.58 15.36
C PHE B 84 -9.90 -43.66 14.65
N ALA B 85 -8.89 -43.07 15.27
CA ALA B 85 -7.56 -42.96 14.65
C ALA B 85 -6.93 -44.31 14.35
N SER B 86 -7.38 -45.35 15.06
CA SER B 86 -6.81 -46.68 14.91
C SER B 86 -7.46 -47.46 13.78
N SER B 87 -8.76 -47.25 13.59
CA SER B 87 -9.53 -47.95 12.56
C SER B 87 -8.79 -48.04 11.22
N SER B 88 -8.84 -49.21 10.60
CA SER B 88 -8.17 -49.41 9.33
C SER B 88 -9.18 -49.33 8.19
N THR B 89 -10.38 -48.86 8.49
CA THR B 89 -11.41 -48.66 7.47
C THR B 89 -11.26 -47.29 6.82
N ILE B 90 -10.16 -46.61 7.12
CA ILE B 90 -9.97 -45.23 6.71
C ILE B 90 -8.69 -45.01 5.89
N ASP B 91 -8.84 -44.34 4.74
CA ASP B 91 -7.72 -44.01 3.88
C ASP B 91 -7.28 -42.56 4.07
N MET B 92 -8.26 -41.68 4.31
CA MET B 92 -7.96 -40.27 4.52
C MET B 92 -8.72 -39.73 5.73
N ILE B 93 -7.99 -39.08 6.62
CA ILE B 93 -8.61 -38.38 7.74
C ILE B 93 -8.72 -36.90 7.40
N VAL B 94 -9.88 -36.32 7.69
CA VAL B 94 -10.07 -34.90 7.52
C VAL B 94 -10.34 -34.26 8.87
N ILE B 95 -9.55 -33.25 9.20
CA ILE B 95 -9.73 -32.46 10.40
C ILE B 95 -10.37 -31.11 10.07
N ALA B 96 -11.61 -30.91 10.52
CA ALA B 96 -12.30 -29.65 10.27
C ALA B 96 -12.92 -29.07 11.55
N ILE B 97 -12.10 -28.89 12.57
CA ILE B 97 -12.58 -28.35 13.83
C ILE B 97 -11.92 -27.01 14.14
N GLN B 98 -12.41 -26.30 15.15
CA GLN B 98 -11.82 -25.03 15.55
C GLN B 98 -10.31 -25.13 15.62
N VAL B 99 -9.63 -24.11 15.10
CA VAL B 99 -8.17 -24.08 15.06
C VAL B 99 -7.53 -24.32 16.42
N ALA B 100 -8.13 -23.78 17.47
CA ALA B 100 -7.61 -23.93 18.82
C ALA B 100 -7.55 -25.39 19.31
N SER B 101 -8.24 -26.30 18.63
CA SER B 101 -8.27 -27.71 19.03
C SER B 101 -7.47 -28.61 18.08
N HIS B 102 -6.91 -28.03 17.02
CA HIS B 102 -6.14 -28.81 16.05
C HIS B 102 -5.02 -29.58 16.74
N TYR B 103 -4.12 -28.85 17.39
CA TYR B 103 -2.95 -29.46 18.03
C TYR B 103 -3.31 -30.54 19.05
N GLU B 104 -4.29 -30.25 19.91
CA GLU B 104 -4.64 -31.20 20.97
C GLU B 104 -5.23 -32.50 20.45
N VAL B 105 -5.76 -32.45 19.22
CA VAL B 105 -6.49 -33.57 18.63
C VAL B 105 -5.66 -34.34 17.60
N VAL B 106 -4.77 -33.64 16.93
CA VAL B 106 -4.01 -34.22 15.83
C VAL B 106 -2.75 -34.93 16.29
N MET B 107 -2.10 -34.39 17.32
CA MET B 107 -0.90 -35.03 17.87
C MET B 107 -1.23 -36.42 18.43
N PRO B 108 -2.25 -36.51 19.28
CA PRO B 108 -2.72 -37.83 19.70
C PRO B 108 -3.11 -38.68 18.48
N LEU B 109 -4.04 -38.16 17.69
CA LEU B 109 -4.56 -38.88 16.53
C LEU B 109 -3.46 -39.50 15.71
N LEU B 110 -2.39 -38.73 15.47
CA LEU B 110 -1.25 -39.21 14.70
C LEU B 110 -0.56 -40.40 15.36
N GLU B 111 -0.41 -40.36 16.67
CA GLU B 111 0.14 -41.49 17.40
C GLU B 111 -0.74 -42.72 17.20
N PHE B 112 -2.02 -42.58 17.56
CA PHE B 112 -2.97 -43.67 17.40
C PHE B 112 -2.98 -44.23 15.99
N SER B 113 -2.84 -43.36 15.01
CA SER B 113 -3.02 -43.73 13.61
C SER B 113 -1.98 -44.74 13.11
N LYS B 114 -0.95 -45.01 13.91
CA LYS B 114 0.05 -46.01 13.55
C LYS B 114 -0.60 -47.40 13.50
N ASN B 115 -1.79 -47.51 14.09
CA ASN B 115 -2.54 -48.76 14.11
C ASN B 115 -3.42 -48.91 12.87
N ASN B 116 -3.20 -48.05 11.88
CA ASN B 116 -3.90 -48.11 10.60
C ASN B 116 -2.89 -48.10 9.47
N PRO B 117 -2.69 -49.27 8.84
CA PRO B 117 -1.70 -49.44 7.77
C PRO B 117 -2.23 -48.86 6.47
N ASN B 118 -3.51 -48.55 6.44
CA ASN B 118 -4.16 -48.06 5.24
C ASN B 118 -4.14 -46.55 5.10
N LEU B 119 -3.88 -45.86 6.21
CA LEU B 119 -3.88 -44.39 6.20
C LEU B 119 -2.87 -43.89 5.19
N LYS B 120 -3.32 -42.97 4.35
CA LYS B 120 -2.51 -42.48 3.25
C LYS B 120 -2.47 -40.96 3.23
N TYR B 121 -3.60 -40.35 3.58
CA TYR B 121 -3.73 -38.90 3.54
C TYR B 121 -4.21 -38.33 4.87
N LEU B 122 -3.64 -37.19 5.23
CA LEU B 122 -4.15 -36.39 6.34
C LEU B 122 -4.50 -34.99 5.82
N PHE B 123 -5.77 -34.62 5.93
CA PHE B 123 -6.28 -33.38 5.38
C PHE B 123 -6.70 -32.47 6.53
N VAL B 124 -6.03 -31.32 6.65
CA VAL B 124 -6.30 -30.38 7.74
C VAL B 124 -6.74 -29.03 7.24
N GLU B 125 -7.75 -28.45 7.88
CA GLU B 125 -8.18 -27.09 7.56
C GLU B 125 -7.15 -26.02 7.98
N TRP B 126 -7.16 -24.91 7.26
CA TRP B 126 -6.41 -23.73 7.64
C TRP B 126 -7.26 -22.91 8.61
N ALA B 127 -6.65 -22.42 9.69
CA ALA B 127 -5.21 -22.54 9.91
C ALA B 127 -4.81 -23.86 10.55
N LEU B 128 -3.54 -24.21 10.38
CA LEU B 128 -2.98 -25.44 10.91
C LEU B 128 -3.03 -25.48 12.44
N ALA B 129 -2.41 -24.49 13.08
CA ALA B 129 -2.43 -24.39 14.54
C ALA B 129 -2.53 -22.93 15.00
N CYS B 130 -2.56 -22.74 16.33
CA CYS B 130 -2.65 -21.40 16.92
C CYS B 130 -1.33 -20.66 16.99
N SER B 131 -0.24 -21.38 16.73
CA SER B 131 1.10 -20.82 16.81
C SER B 131 2.08 -21.57 15.93
N LEU B 132 3.19 -20.91 15.59
CA LEU B 132 4.23 -21.51 14.77
C LEU B 132 4.82 -22.74 15.48
N ASP B 133 4.96 -22.65 16.80
CA ASP B 133 5.43 -23.79 17.59
C ASP B 133 4.56 -25.02 17.38
N GLN B 134 3.25 -24.87 17.63
CA GLN B 134 2.32 -25.97 17.46
C GLN B 134 2.37 -26.47 16.02
N ALA B 135 2.56 -25.54 15.08
CA ALA B 135 2.55 -25.90 13.66
C ALA B 135 3.78 -26.72 13.28
N GLU B 136 4.90 -26.39 13.90
CA GLU B 136 6.14 -27.13 13.68
C GLU B 136 6.00 -28.55 14.23
N SER B 137 5.48 -28.65 15.45
CA SER B 137 5.30 -29.95 16.08
C SER B 137 4.41 -30.81 15.21
N ILE B 138 3.34 -30.20 14.72
CA ILE B 138 2.39 -30.95 13.90
C ILE B 138 3.04 -31.41 12.62
N TYR B 139 3.80 -30.53 11.97
CA TYR B 139 4.46 -30.92 10.74
C TYR B 139 5.47 -32.03 10.99
N LYS B 140 6.33 -31.82 11.97
CA LYS B 140 7.26 -32.86 12.40
C LYS B 140 6.56 -34.21 12.53
N ALA B 141 5.51 -34.26 13.35
CA ALA B 141 4.78 -35.49 13.63
C ALA B 141 4.17 -36.09 12.36
N ALA B 142 3.64 -35.23 11.48
CA ALA B 142 3.04 -35.69 10.24
C ALA B 142 4.06 -36.41 9.37
N ALA B 143 5.28 -35.86 9.33
CA ALA B 143 6.37 -36.47 8.57
C ALA B 143 6.73 -37.85 9.15
N GLU B 144 6.92 -37.90 10.46
CA GLU B 144 7.22 -39.15 11.17
C GLU B 144 6.18 -40.23 10.88
N ARG B 145 4.99 -39.81 10.49
CA ARG B 145 3.88 -40.74 10.24
C ARG B 145 3.87 -41.19 8.79
N GLY B 146 4.56 -40.43 7.94
CA GLY B 146 4.76 -40.83 6.56
C GLY B 146 3.56 -40.74 5.63
N VAL B 147 2.47 -40.12 6.07
CA VAL B 147 1.32 -39.94 5.19
C VAL B 147 1.50 -38.73 4.28
N GLN B 148 0.73 -38.70 3.19
CA GLN B 148 0.63 -37.50 2.38
C GLN B 148 -0.30 -36.51 3.10
N THR B 149 0.11 -35.25 3.15
CA THR B 149 -0.66 -34.23 3.85
C THR B 149 -1.32 -33.25 2.90
N ILE B 150 -2.33 -32.56 3.39
CA ILE B 150 -3.07 -31.60 2.61
C ILE B 150 -3.58 -30.53 3.56
N ILE B 151 -3.26 -29.28 3.25
CA ILE B 151 -3.82 -28.13 3.98
C ILE B 151 -4.93 -27.53 3.14
N SER B 152 -5.87 -26.83 3.79
CA SER B 152 -6.98 -26.24 3.06
C SER B 152 -6.73 -24.77 2.65
N LEU B 153 -5.77 -24.57 1.75
CA LEU B 153 -5.54 -23.28 1.10
C LEU B 153 -6.21 -23.33 -0.26
N GLN B 154 -7.53 -23.50 -0.23
CA GLN B 154 -8.33 -23.70 -1.44
C GLN B 154 -8.29 -22.55 -2.43
N GLY B 155 -7.67 -21.44 -2.04
CA GLY B 155 -7.49 -20.34 -2.96
C GLY B 155 -6.63 -20.79 -4.12
N ARG B 156 -5.74 -21.74 -3.84
CA ARG B 156 -4.83 -22.24 -4.85
C ARG B 156 -5.57 -22.97 -5.98
N LYS B 157 -6.86 -23.20 -5.78
CA LYS B 157 -7.66 -23.95 -6.74
C LYS B 157 -8.73 -23.10 -7.41
N SER B 158 -8.87 -21.85 -6.98
CA SER B 158 -9.78 -20.93 -7.65
C SER B 158 -9.46 -20.86 -9.15
N PRO B 159 -10.50 -20.74 -9.99
CA PRO B 159 -10.32 -20.62 -11.45
C PRO B 159 -9.62 -19.31 -11.80
N TYR B 160 -9.91 -18.27 -11.03
CA TYR B 160 -9.30 -16.96 -11.24
C TYR B 160 -7.82 -16.97 -10.92
N ILE B 161 -7.47 -17.56 -9.79
CA ILE B 161 -6.07 -17.64 -9.37
C ILE B 161 -5.23 -18.41 -10.38
N LEU B 162 -5.77 -19.51 -10.88
CA LEU B 162 -5.03 -20.33 -11.83
C LEU B 162 -4.86 -19.66 -13.20
N ARG B 163 -5.91 -19.02 -13.71
CA ARG B 163 -5.77 -18.26 -14.94
C ARG B 163 -4.71 -17.16 -14.77
N ALA B 164 -4.80 -16.40 -13.68
CA ALA B 164 -3.81 -15.35 -13.41
C ALA B 164 -2.39 -15.91 -13.39
N LYS B 165 -2.21 -16.99 -12.64
CA LYS B 165 -0.91 -17.61 -12.48
C LYS B 165 -0.39 -18.02 -13.84
N GLU B 166 -1.28 -18.53 -14.66
CA GLU B 166 -0.95 -19.02 -15.99
C GLU B 166 -0.47 -17.86 -16.84
N LEU B 167 -1.27 -16.80 -16.86
CA LEU B 167 -0.98 -15.62 -17.63
C LEU B 167 0.37 -15.04 -17.23
N ILE B 168 0.59 -14.98 -15.93
CA ILE B 168 1.82 -14.44 -15.39
C ILE B 168 3.03 -15.30 -15.72
N SER B 169 2.92 -16.60 -15.49
CA SER B 169 4.04 -17.50 -15.73
C SER B 169 4.37 -17.64 -17.21
N GLN B 170 3.44 -17.26 -18.07
CA GLN B 170 3.64 -17.36 -19.52
C GLN B 170 4.14 -16.05 -20.15
N GLY B 171 4.34 -15.04 -19.31
CA GLY B 171 4.86 -13.76 -19.75
C GLY B 171 3.83 -12.82 -20.34
N TYR B 172 2.56 -13.06 -20.04
CA TYR B 172 1.50 -12.28 -20.66
C TYR B 172 1.43 -10.85 -20.15
N ILE B 173 1.81 -10.64 -18.89
CA ILE B 173 1.89 -9.28 -18.34
C ILE B 173 3.30 -8.75 -18.38
N GLY B 174 4.22 -9.62 -18.80
CA GLY B 174 5.64 -9.32 -18.80
C GLY B 174 6.23 -9.51 -17.42
N ASP B 175 7.27 -8.77 -17.12
CA ASP B 175 7.89 -8.82 -15.80
C ASP B 175 7.10 -8.02 -14.77
N ILE B 176 6.97 -8.55 -13.56
CA ILE B 176 6.21 -7.84 -12.55
C ILE B 176 7.00 -6.67 -12.00
N ASN B 177 6.42 -5.49 -12.15
CA ASN B 177 7.01 -4.26 -11.68
C ASN B 177 6.62 -4.00 -10.21
N SER B 178 5.35 -4.23 -9.88
CA SER B 178 4.88 -3.92 -8.55
C SER B 178 3.52 -4.53 -8.29
N ILE B 179 3.08 -4.49 -7.05
CA ILE B 179 1.82 -5.07 -6.63
C ILE B 179 1.22 -4.29 -5.46
N GLU B 180 -0.09 -4.05 -5.51
CA GLU B 180 -0.80 -3.48 -4.37
C GLU B 180 -1.98 -4.36 -4.00
N ILE B 181 -2.22 -4.49 -2.70
CA ILE B 181 -3.35 -5.24 -2.22
C ILE B 181 -4.13 -4.43 -1.20
N ALA B 182 -5.45 -4.37 -1.41
CA ALA B 182 -6.37 -3.82 -0.43
C ALA B 182 -7.36 -4.90 -0.02
N GLY B 183 -7.63 -5.01 1.28
CA GLY B 183 -8.41 -6.13 1.80
C GLY B 183 -9.38 -5.77 2.90
N ASN B 184 -10.47 -6.53 2.97
CA ASN B 184 -11.44 -6.41 4.06
C ASN B 184 -11.70 -7.77 4.73
N GLY B 185 -11.86 -7.76 6.05
CA GLY B 185 -11.56 -8.93 6.85
C GLY B 185 -12.65 -9.74 7.51
N GLY B 186 -13.80 -9.14 7.77
CA GLY B 186 -14.85 -9.86 8.45
C GLY B 186 -15.51 -9.01 9.51
N TRP B 187 -15.64 -9.56 10.72
CA TRP B 187 -16.32 -8.83 11.78
C TRP B 187 -15.36 -8.10 12.70
N TYR B 188 -14.31 -7.53 12.11
CA TYR B 188 -13.31 -6.82 12.89
C TYR B 188 -13.41 -5.32 12.68
N GLY B 189 -14.59 -4.86 12.27
CA GLY B 189 -14.88 -3.45 12.18
C GLY B 189 -15.39 -2.92 13.51
N TYR B 190 -16.22 -1.88 13.46
CA TYR B 190 -16.70 -1.26 14.68
C TYR B 190 -17.82 -2.05 15.33
N GLU B 191 -18.26 -3.12 14.67
CA GLU B 191 -19.44 -3.84 15.11
C GLU B 191 -19.25 -5.37 15.15
N ARG B 192 -20.01 -6.03 16.01
CA ARG B 192 -20.02 -7.49 16.09
C ARG B 192 -21.45 -8.01 16.21
N PRO B 193 -21.79 -9.06 15.44
CA PRO B 193 -23.04 -9.77 15.66
C PRO B 193 -23.04 -10.38 17.06
N VAL B 194 -24.06 -10.07 17.85
CA VAL B 194 -24.17 -10.65 19.19
C VAL B 194 -24.16 -12.17 19.05
N LYS B 195 -24.48 -12.64 17.84
CA LYS B 195 -24.39 -14.05 17.50
C LYS B 195 -22.95 -14.56 17.62
N SER B 196 -22.14 -14.28 16.62
CA SER B 196 -20.74 -14.74 16.59
C SER B 196 -20.11 -14.84 17.98
N PRO B 197 -19.27 -15.87 18.18
CA PRO B 197 -18.66 -16.26 19.46
C PRO B 197 -17.76 -15.20 20.11
N LYS B 198 -16.96 -15.65 21.06
CA LYS B 198 -16.01 -14.80 21.75
C LYS B 198 -14.60 -15.26 21.39
N TYR B 199 -14.49 -16.50 20.92
CA TYR B 199 -13.18 -17.08 20.66
C TYR B 199 -12.56 -16.51 19.38
N ILE B 200 -13.40 -15.96 18.51
CA ILE B 200 -12.92 -15.34 17.28
C ILE B 200 -12.21 -14.03 17.57
N TYR B 201 -12.53 -13.41 18.70
CA TYR B 201 -12.09 -12.06 19.00
C TYR B 201 -11.07 -11.96 20.12
N GLU B 202 -10.43 -13.07 20.44
CA GLU B 202 -9.39 -13.11 21.45
C GLU B 202 -8.12 -13.70 20.85
N ILE B 203 -7.01 -12.98 21.00
CA ILE B 203 -5.77 -13.32 20.30
C ILE B 203 -5.18 -14.65 20.74
N GLY B 204 -4.58 -15.37 19.79
CA GLY B 204 -3.92 -16.63 20.07
C GLY B 204 -4.79 -17.86 19.88
N ASN B 205 -5.98 -17.66 19.32
CA ASN B 205 -6.90 -18.76 19.08
C ASN B 205 -6.97 -19.14 17.60
N GLY B 206 -5.99 -18.66 16.84
CA GLY B 206 -5.81 -19.11 15.47
C GLY B 206 -6.74 -18.55 14.40
N VAL B 207 -7.59 -17.59 14.79
CA VAL B 207 -8.48 -16.97 13.82
C VAL B 207 -8.48 -15.44 13.96
N ASP B 208 -8.00 -14.77 12.93
CA ASP B 208 -7.86 -13.31 12.94
C ASP B 208 -7.53 -12.74 11.55
N LEU B 209 -7.52 -11.41 11.49
CA LEU B 209 -7.24 -10.67 10.26
C LEU B 209 -5.94 -11.09 9.58
N VAL B 210 -4.88 -11.26 10.36
CA VAL B 210 -3.58 -11.61 9.82
C VAL B 210 -3.52 -13.07 9.39
N THR B 211 -3.81 -13.96 10.35
CA THR B 211 -3.71 -15.39 10.15
C THR B 211 -4.67 -15.91 9.08
N THR B 212 -5.83 -15.28 8.97
CA THR B 212 -6.87 -15.78 8.09
C THR B 212 -7.01 -15.03 6.77
N THR B 213 -7.62 -13.85 6.83
CA THR B 213 -7.82 -13.05 5.63
C THR B 213 -6.51 -12.82 4.88
N PHE B 214 -5.52 -12.33 5.60
CA PHE B 214 -4.22 -12.02 5.01
C PHE B 214 -3.43 -13.29 4.67
N GLY B 215 -3.52 -14.31 5.53
CA GLY B 215 -2.90 -15.59 5.25
C GLY B 215 -3.32 -16.15 3.89
N HIS B 216 -4.61 -16.30 3.68
CA HIS B 216 -5.14 -16.83 2.43
C HIS B 216 -4.71 -16.00 1.23
N THR B 217 -4.76 -14.68 1.39
CA THR B 217 -4.50 -13.77 0.30
C THR B 217 -3.02 -13.71 -0.07
N ILE B 218 -2.16 -13.50 0.93
CA ILE B 218 -0.72 -13.43 0.67
C ILE B 218 -0.20 -14.75 0.10
N ASP B 219 -0.81 -15.84 0.49
CA ASP B 219 -0.45 -17.13 -0.09
C ASP B 219 -0.76 -17.20 -1.58
N ILE B 220 -1.99 -16.88 -1.97
CA ILE B 220 -2.31 -16.92 -3.40
C ILE B 220 -1.43 -15.94 -4.17
N LEU B 221 -1.03 -14.85 -3.52
CA LEU B 221 -0.14 -13.90 -4.18
C LEU B 221 1.18 -14.55 -4.51
N GLN B 222 1.81 -15.16 -3.50
CA GLN B 222 3.07 -15.87 -3.70
C GLN B 222 2.93 -16.98 -4.74
N TYR B 223 1.80 -17.65 -4.70
CA TYR B 223 1.49 -18.71 -5.63
C TYR B 223 1.30 -18.24 -7.07
N MET B 224 0.61 -17.12 -7.27
CA MET B 224 0.38 -16.59 -8.62
C MET B 224 1.66 -16.08 -9.27
N THR B 225 2.52 -15.50 -8.44
CA THR B 225 3.75 -14.88 -8.89
C THR B 225 4.93 -15.82 -8.75
N SER B 226 4.67 -17.04 -8.29
CA SER B 226 5.74 -18.03 -8.09
C SER B 226 6.95 -17.44 -7.38
N SER B 227 6.72 -16.71 -6.30
CA SER B 227 7.83 -16.18 -5.52
C SER B 227 7.50 -16.06 -4.05
N TYR B 228 8.50 -16.26 -3.19
CA TYR B 228 8.39 -15.89 -1.77
C TYR B 228 8.95 -14.48 -1.52
N PHE B 229 8.79 -13.99 -0.30
CA PHE B 229 9.33 -12.69 0.10
C PHE B 229 10.77 -12.81 0.56
N SER B 230 11.51 -11.72 0.44
CA SER B 230 12.84 -11.66 1.06
C SER B 230 12.80 -10.78 2.29
N ARG B 231 12.28 -9.56 2.14
CA ARG B 231 12.17 -8.65 3.28
C ARG B 231 10.71 -8.24 3.45
N ILE B 232 10.29 -8.04 4.69
CA ILE B 232 8.94 -7.58 4.98
C ILE B 232 8.89 -6.64 6.18
N ASN B 233 7.88 -5.78 6.23
CA ASN B 233 7.63 -4.98 7.42
C ASN B 233 6.14 -4.82 7.65
N ALA B 234 5.71 -4.99 8.90
CA ALA B 234 4.30 -4.98 9.22
C ALA B 234 3.99 -4.11 10.42
N MET B 235 2.87 -3.42 10.35
CA MET B 235 2.32 -2.77 11.53
C MET B 235 0.92 -3.33 11.73
N VAL B 236 0.65 -3.82 12.94
CA VAL B 236 -0.62 -4.43 13.31
C VAL B 236 -1.34 -3.56 14.33
N PHE B 237 -2.65 -3.36 14.15
CA PHE B 237 -3.42 -2.42 14.98
C PHE B 237 -4.59 -3.02 15.76
N ASN B 238 -4.82 -2.52 16.96
CA ASN B 238 -6.09 -2.74 17.65
C ASN B 238 -6.68 -1.41 18.09
N ASN B 239 -7.05 -0.59 17.10
CA ASN B 239 -7.61 0.73 17.35
C ASN B 239 -9.06 0.66 17.77
N ILE B 240 -9.63 -0.54 17.68
CA ILE B 240 -11.01 -0.80 18.08
C ILE B 240 -11.04 -1.91 19.14
N PRO B 241 -10.68 -1.57 20.39
CA PRO B 241 -10.61 -2.53 21.49
C PRO B 241 -11.98 -2.96 21.99
N GLU B 242 -12.98 -2.09 21.76
CA GLU B 242 -14.36 -2.39 22.13
C GLU B 242 -15.25 -2.36 20.88
N GLN B 243 -16.06 -3.40 20.69
CA GLN B 243 -16.92 -3.47 19.51
C GLN B 243 -18.38 -3.30 19.89
N GLU B 244 -19.15 -2.76 18.94
CA GLU B 244 -20.58 -2.61 19.10
C GLU B 244 -21.35 -3.85 18.64
N LEU B 245 -22.03 -4.50 19.57
CA LEU B 245 -22.87 -5.65 19.25
C LEU B 245 -24.04 -5.26 18.36
N ILE B 246 -24.46 -6.19 17.51
CA ILE B 246 -25.60 -5.96 16.64
C ILE B 246 -26.45 -7.21 16.47
N ASP B 247 -27.72 -7.00 16.11
CA ASP B 247 -28.64 -8.10 15.90
C ASP B 247 -28.57 -8.62 14.46
N GLU B 248 -29.66 -9.24 14.03
CA GLU B 248 -29.73 -9.80 12.67
C GLU B 248 -30.27 -8.75 11.70
N ARG B 249 -31.06 -7.81 12.22
CA ARG B 249 -31.57 -6.69 11.43
C ARG B 249 -30.42 -5.81 10.95
N GLY B 250 -29.31 -5.84 11.69
CA GLY B 250 -28.16 -5.00 11.40
C GLY B 250 -28.16 -3.75 12.27
N ASN B 251 -28.93 -3.79 13.36
CA ASN B 251 -29.02 -2.66 14.27
C ASN B 251 -28.22 -2.86 15.56
N ARG B 252 -27.70 -1.76 16.09
CA ARG B 252 -26.86 -1.82 17.28
C ARG B 252 -27.70 -2.04 18.53
N LEU B 253 -27.20 -2.91 19.41
CA LEU B 253 -27.94 -3.29 20.62
C LEU B 253 -27.47 -2.49 21.81
N GLY B 254 -26.80 -1.37 21.55
CA GLY B 254 -26.27 -0.53 22.61
C GLY B 254 -25.43 -1.32 23.60
N GLN B 255 -24.62 -2.24 23.09
CA GLN B 255 -23.77 -3.08 23.92
C GLN B 255 -22.37 -3.25 23.35
N ARG B 256 -21.36 -3.18 24.21
CA ARG B 256 -19.95 -3.26 23.80
C ARG B 256 -19.21 -4.49 24.33
N VAL B 257 -18.34 -5.04 23.49
CA VAL B 257 -17.54 -6.20 23.85
C VAL B 257 -16.07 -6.00 23.51
N PRO B 258 -15.19 -6.55 24.35
CA PRO B 258 -13.74 -6.43 24.16
C PRO B 258 -13.28 -7.26 22.97
N LYS B 259 -12.29 -6.75 22.26
CA LYS B 259 -11.72 -7.48 21.14
C LYS B 259 -10.21 -7.27 21.17
N THR B 260 -9.46 -8.36 21.35
CA THR B 260 -8.00 -8.26 21.39
C THR B 260 -7.34 -8.60 20.06
N VAL B 261 -8.10 -9.18 19.12
CA VAL B 261 -7.58 -9.42 17.77
C VAL B 261 -7.57 -8.11 16.98
N PRO B 262 -6.72 -8.03 15.95
CA PRO B 262 -6.44 -6.78 15.22
C PRO B 262 -7.57 -6.33 14.29
N ASP B 263 -7.68 -5.01 14.11
CA ASP B 263 -8.66 -4.40 13.21
C ASP B 263 -8.03 -3.78 11.96
N HIS B 264 -6.70 -3.72 11.93
N HIS B 264 -6.70 -3.71 11.93
CA HIS B 264 -5.97 -3.21 10.78
CA HIS B 264 -6.01 -3.29 10.72
C HIS B 264 -4.59 -3.85 10.65
C HIS B 264 -4.60 -3.85 10.64
N LEU B 265 -4.18 -4.12 9.42
CA LEU B 265 -2.83 -4.61 9.16
C LEU B 265 -2.23 -3.82 8.00
N LEU B 266 -1.07 -3.21 8.22
CA LEU B 266 -0.26 -2.64 7.16
C LEU B 266 0.89 -3.58 6.86
N PHE B 267 1.12 -3.86 5.58
CA PHE B 267 2.16 -4.79 5.19
C PHE B 267 2.85 -4.33 3.92
N GLN B 268 4.16 -4.29 3.95
CA GLN B 268 4.92 -4.05 2.73
C GLN B 268 6.10 -5.03 2.70
N GLY B 269 6.53 -5.39 1.50
CA GLY B 269 7.61 -6.34 1.37
C GLY B 269 8.14 -6.45 -0.03
N THR B 270 9.09 -7.35 -0.23
CA THR B 270 9.66 -7.55 -1.55
C THR B 270 9.63 -9.01 -1.90
N LEU B 271 9.27 -9.32 -3.14
CA LEU B 271 9.33 -10.67 -3.63
C LEU B 271 10.77 -10.98 -4.03
N LEU B 272 11.21 -12.20 -3.74
CA LEU B 272 12.54 -12.66 -4.16
C LEU B 272 12.77 -12.51 -5.66
N ASN B 273 11.89 -13.11 -6.45
CA ASN B 273 11.96 -12.99 -7.90
C ASN B 273 11.68 -11.57 -8.36
N GLY B 274 12.74 -10.85 -8.73
CA GLY B 274 12.63 -9.51 -9.28
C GLY B 274 12.66 -8.39 -8.25
N ASN B 275 12.72 -8.76 -6.98
CA ASN B 275 12.70 -7.79 -5.90
C ASN B 275 11.51 -6.84 -6.04
N VAL B 276 10.34 -7.41 -6.34
CA VAL B 276 9.11 -6.66 -6.55
C VAL B 276 8.53 -6.06 -5.27
N PRO B 277 8.27 -4.75 -5.30
CA PRO B 277 7.62 -4.02 -4.20
C PRO B 277 6.15 -4.43 -4.03
N VAL B 278 5.73 -4.67 -2.81
CA VAL B 278 4.37 -5.09 -2.52
C VAL B 278 3.80 -4.27 -1.37
N SER B 279 2.76 -3.51 -1.66
CA SER B 279 2.10 -2.68 -0.67
C SER B 279 0.76 -3.28 -0.34
N CYS B 280 0.48 -3.46 0.94
N CYS B 280 0.46 -3.38 0.96
CA CYS B 280 -0.77 -4.11 1.35
CA CYS B 280 -0.70 -4.13 1.42
C CYS B 280 -1.42 -3.42 2.53
C CYS B 280 -1.41 -3.42 2.56
N SER B 281 -2.74 -3.33 2.47
CA SER B 281 -3.53 -2.78 3.57
C SER B 281 -4.75 -3.65 3.81
N PHE B 282 -4.96 -4.06 5.06
CA PHE B 282 -6.11 -4.88 5.43
C PHE B 282 -6.91 -4.27 6.57
N LYS B 283 -8.21 -4.17 6.34
CA LYS B 283 -9.10 -3.45 7.23
C LYS B 283 -10.10 -4.46 7.79
N GLY B 284 -10.72 -4.14 8.93
CA GLY B 284 -11.63 -5.07 9.58
C GLY B 284 -13.08 -5.06 9.13
N GLY B 285 -13.52 -3.97 8.50
CA GLY B 285 -14.90 -3.86 8.06
C GLY B 285 -15.23 -4.96 7.06
N LYS B 293 -15.00 -2.82 -0.56
CA LYS B 293 -15.04 -3.80 -1.64
C LYS B 293 -14.07 -4.90 -1.24
N ASN B 294 -14.61 -6.01 -0.76
CA ASN B 294 -13.81 -7.09 -0.18
C ASN B 294 -12.32 -7.08 -0.50
N LEU B 295 -11.99 -7.13 -1.79
CA LEU B 295 -10.64 -7.45 -2.17
C LEU B 295 -10.21 -6.90 -3.53
N VAL B 296 -9.02 -6.31 -3.56
CA VAL B 296 -8.41 -5.90 -4.81
C VAL B 296 -6.93 -6.23 -4.82
N ILE B 297 -6.52 -6.98 -5.84
CA ILE B 297 -5.12 -7.32 -6.01
C ILE B 297 -4.65 -6.74 -7.34
N ASP B 298 -3.79 -5.73 -7.27
CA ASP B 298 -3.32 -5.04 -8.47
C ASP B 298 -1.88 -5.41 -8.80
N ILE B 299 -1.71 -6.13 -9.90
CA ILE B 299 -0.39 -6.54 -10.35
C ILE B 299 0.02 -5.78 -11.60
N HIS B 300 1.04 -4.94 -11.47
CA HIS B 300 1.48 -4.10 -12.57
C HIS B 300 2.69 -4.71 -13.27
N GLY B 301 2.50 -5.15 -14.50
CA GLY B 301 3.57 -5.72 -15.30
C GLY B 301 4.13 -4.73 -16.31
N THR B 302 5.20 -5.11 -16.99
CA THR B 302 5.80 -4.24 -17.99
C THR B 302 4.96 -4.13 -19.26
N LYS B 303 4.19 -5.18 -19.56
CA LYS B 303 3.40 -5.20 -20.78
C LYS B 303 1.91 -5.00 -20.51
N ARG B 304 1.43 -5.64 -19.45
CA ARG B 304 0.03 -5.54 -19.09
C ARG B 304 -0.12 -5.41 -17.59
N ASP B 305 -1.23 -4.81 -17.18
CA ASP B 305 -1.63 -4.77 -15.78
C ASP B 305 -2.71 -5.82 -15.57
N LEU B 306 -2.69 -6.45 -14.40
CA LEU B 306 -3.65 -7.49 -14.11
C LEU B 306 -4.30 -7.18 -12.76
N LYS B 307 -5.61 -7.32 -12.71
CA LYS B 307 -6.35 -6.99 -11.50
C LYS B 307 -7.37 -8.08 -11.14
N LEU B 308 -7.38 -8.48 -9.87
CA LEU B 308 -8.34 -9.44 -9.32
C LEU B 308 -9.18 -8.79 -8.24
N GLU B 309 -10.51 -8.99 -8.29
CA GLU B 309 -11.45 -8.27 -7.41
C GLU B 309 -12.48 -9.15 -6.69
N GLY B 310 -13.10 -8.61 -5.63
CA GLY B 310 -14.12 -9.34 -4.87
C GLY B 310 -15.20 -8.51 -4.19
N ASP B 311 -16.28 -9.18 -3.77
CA ASP B 311 -17.40 -8.53 -3.09
C ASP B 311 -18.00 -9.42 -1.99
N ALA B 312 -19.17 -9.03 -1.47
CA ALA B 312 -19.79 -9.74 -0.35
C ALA B 312 -18.68 -10.20 0.58
N ALA B 315 -15.25 -17.27 -1.28
CA ALA B 315 -13.84 -17.46 -1.02
C ALA B 315 -13.29 -16.50 -2.06
N GLU B 316 -14.24 -15.93 -2.78
CA GLU B 316 -14.02 -14.95 -3.85
C GLU B 316 -13.24 -13.75 -3.37
N ILE B 317 -12.48 -13.08 -4.24
CA ILE B 317 -12.19 -13.40 -5.67
C ILE B 317 -13.29 -13.90 -6.62
N SER B 318 -13.72 -13.01 -7.51
CA SER B 318 -14.84 -13.28 -8.39
C SER B 318 -14.62 -12.68 -9.78
N ASN B 319 -13.53 -11.94 -9.95
CA ASN B 319 -13.31 -11.18 -11.18
C ASN B 319 -11.83 -10.99 -11.56
N LEU B 320 -11.49 -11.23 -12.82
CA LEU B 320 -10.12 -11.10 -13.30
C LEU B 320 -10.07 -10.17 -14.49
N VAL B 321 -9.20 -9.16 -14.42
CA VAL B 321 -9.14 -8.13 -15.45
C VAL B 321 -7.70 -7.88 -15.91
N LEU B 322 -7.52 -7.83 -17.24
CA LEU B 322 -6.24 -7.49 -17.86
C LEU B 322 -6.33 -6.24 -18.74
N TYR B 323 -5.40 -5.30 -18.56
CA TYR B 323 -5.33 -4.11 -19.43
C TYR B 323 -4.04 -4.00 -20.25
N TYR B 324 -4.14 -3.49 -21.48
CA TYR B 324 -2.98 -3.22 -22.33
C TYR B 324 -3.04 -1.78 -22.84
N SER B 325 -1.90 -1.24 -23.25
CA SER B 325 -1.79 0.12 -23.80
C SER B 325 -0.97 0.12 -25.09
N ASP B 347 -2.38 8.71 -32.02
CA ASP B 347 -1.71 8.77 -33.32
C ASP B 347 -0.62 7.71 -33.43
N ALA B 348 -0.96 6.44 -33.18
CA ALA B 348 -2.33 6.02 -32.86
C ALA B 348 -2.31 4.89 -31.83
N GLY B 349 -2.94 5.11 -30.68
CA GLY B 349 -2.89 4.12 -29.62
C GLY B 349 -4.13 3.26 -29.48
N LYS B 350 -3.94 2.03 -29.02
CA LYS B 350 -5.04 1.09 -28.77
C LYS B 350 -5.08 0.63 -27.32
N GLU B 351 -6.26 0.62 -26.74
CA GLU B 351 -6.42 0.04 -25.41
C GLU B 351 -7.25 -1.24 -25.46
N ILE B 352 -6.87 -2.21 -24.65
CA ILE B 352 -7.55 -3.50 -24.62
C ILE B 352 -7.87 -3.92 -23.20
N MET B 353 -9.14 -4.19 -22.95
CA MET B 353 -9.55 -4.74 -21.66
C MET B 353 -10.08 -6.18 -21.81
N GLU B 354 -9.47 -7.12 -21.10
CA GLU B 354 -9.96 -8.50 -21.05
C GLU B 354 -10.57 -8.82 -19.69
N VAL B 355 -11.86 -9.11 -19.69
CA VAL B 355 -12.51 -9.54 -18.47
C VAL B 355 -12.80 -11.03 -18.50
N TYR B 356 -12.51 -11.69 -17.39
N TYR B 356 -12.46 -11.70 -17.41
CA TYR B 356 -12.77 -13.11 -17.23
CA TYR B 356 -12.76 -13.12 -17.24
C TYR B 356 -13.68 -13.28 -16.02
C TYR B 356 -13.69 -13.24 -16.03
N HIS B 357 -14.93 -13.65 -16.27
CA HIS B 357 -15.88 -13.80 -15.18
C HIS B 357 -16.83 -14.97 -15.40
N LEU B 358 -16.86 -15.90 -14.45
CA LEU B 358 -17.82 -16.98 -14.48
C LEU B 358 -19.16 -16.51 -13.90
N ARG B 359 -20.19 -16.47 -14.76
CA ARG B 359 -21.47 -15.82 -14.45
C ARG B 359 -22.07 -16.19 -13.08
N ASN B 360 -22.41 -17.46 -12.92
CA ASN B 360 -22.91 -17.96 -11.64
C ASN B 360 -21.95 -18.97 -11.06
N TYR B 361 -20.96 -18.48 -10.32
CA TYR B 361 -19.99 -19.35 -9.70
C TYR B 361 -19.94 -19.13 -8.19
N ASN B 362 -20.06 -20.23 -7.46
CA ASN B 362 -20.06 -20.18 -6.01
C ASN B 362 -18.68 -20.55 -5.49
N ALA B 363 -17.83 -19.54 -5.32
CA ALA B 363 -16.46 -19.77 -4.91
C ALA B 363 -16.34 -20.59 -3.63
N ILE B 364 -17.27 -20.39 -2.71
CA ILE B 364 -17.14 -20.94 -1.37
C ILE B 364 -17.13 -22.47 -1.42
N VAL B 365 -18.06 -23.02 -2.18
CA VAL B 365 -18.11 -24.47 -2.37
C VAL B 365 -17.26 -24.86 -3.56
N GLY B 366 -17.16 -23.94 -4.52
CA GLY B 366 -16.40 -24.16 -5.74
C GLY B 366 -14.95 -24.52 -5.51
N ASN B 367 -14.30 -23.86 -4.57
CA ASN B 367 -12.87 -24.05 -4.43
C ASN B 367 -12.53 -25.32 -3.65
N ILE B 368 -13.30 -25.63 -2.61
CA ILE B 368 -13.07 -26.87 -1.88
C ILE B 368 -13.31 -28.07 -2.79
N HIS B 369 -14.34 -27.95 -3.63
CA HIS B 369 -14.66 -28.95 -4.62
C HIS B 369 -13.42 -29.30 -5.44
N ARG B 370 -12.84 -28.28 -6.05
CA ARG B 370 -11.69 -28.43 -6.94
C ARG B 370 -10.49 -28.96 -6.18
N LEU B 371 -10.39 -28.62 -4.91
CA LEU B 371 -9.35 -29.16 -4.06
C LEU B 371 -9.51 -30.68 -3.91
N TYR B 372 -10.73 -31.13 -3.64
CA TYR B 372 -11.03 -32.55 -3.55
C TYR B 372 -10.81 -33.23 -4.89
N GLN B 373 -11.28 -32.59 -5.96
CA GLN B 373 -11.10 -33.13 -7.28
C GLN B 373 -9.62 -33.32 -7.56
N SER B 374 -8.81 -32.37 -7.09
CA SER B 374 -7.37 -32.40 -7.34
C SER B 374 -6.70 -33.54 -6.55
N ILE B 375 -7.22 -33.84 -5.36
CA ILE B 375 -6.75 -34.97 -4.57
C ILE B 375 -7.09 -36.29 -5.26
N SER B 376 -8.29 -36.35 -5.83
CA SER B 376 -8.76 -37.54 -6.54
C SER B 376 -7.94 -37.81 -7.80
N ASP B 377 -7.72 -36.76 -8.60
CA ASP B 377 -6.93 -36.87 -9.82
C ASP B 377 -5.49 -37.30 -9.53
N PHE B 378 -5.02 -37.04 -8.31
CA PHE B 378 -3.68 -37.46 -7.90
C PHE B 378 -3.72 -38.92 -7.50
N HIS B 379 -4.74 -39.30 -6.75
CA HIS B 379 -4.88 -40.67 -6.31
C HIS B 379 -5.10 -41.60 -7.50
N PHE B 380 -6.09 -41.28 -8.33
CA PHE B 380 -6.49 -42.14 -9.43
C PHE B 380 -5.72 -41.86 -10.71
N ASN B 381 -4.72 -40.99 -10.61
CA ASN B 381 -3.90 -40.62 -11.76
C ASN B 381 -4.74 -40.48 -13.02
N THR B 382 -5.52 -39.41 -13.09
CA THR B 382 -6.44 -39.20 -14.23
C THR B 382 -5.69 -38.77 -15.49
N LYS B 383 -4.56 -38.10 -15.32
CA LYS B 383 -3.72 -37.72 -16.45
C LYS B 383 -2.60 -38.75 -16.65
N LYS B 384 -2.84 -39.95 -16.14
CA LYS B 384 -1.98 -41.11 -16.35
C LYS B 384 -0.50 -40.83 -16.63
N ILE B 385 0.26 -40.57 -15.58
CA ILE B 385 1.72 -40.54 -15.68
C ILE B 385 2.29 -41.61 -14.78
N PRO B 386 2.56 -42.81 -15.34
CA PRO B 386 2.95 -43.99 -14.56
C PRO B 386 4.22 -43.71 -13.77
N GLU B 387 4.93 -42.66 -14.15
CA GLU B 387 6.26 -42.39 -13.66
C GLU B 387 6.27 -41.47 -12.45
N LEU B 388 5.17 -41.46 -11.69
CA LEU B 388 5.06 -40.57 -10.55
C LEU B 388 5.02 -41.32 -9.22
N PRO B 389 5.86 -40.89 -8.26
CA PRO B 389 5.84 -41.46 -6.92
C PRO B 389 4.50 -41.21 -6.23
N SER B 390 4.29 -41.89 -5.11
CA SER B 390 3.02 -41.85 -4.41
C SER B 390 2.87 -40.64 -3.51
N GLN B 391 3.95 -39.88 -3.32
CA GLN B 391 3.94 -38.79 -2.35
C GLN B 391 4.90 -37.64 -2.65
N PHE B 392 4.46 -36.42 -2.32
CA PHE B 392 5.28 -35.22 -2.50
C PHE B 392 5.25 -34.33 -1.26
N VAL B 393 6.41 -33.81 -0.88
CA VAL B 393 6.53 -32.97 0.30
C VAL B 393 5.60 -31.76 0.24
N MET B 394 5.74 -30.95 -0.81
CA MET B 394 4.99 -29.70 -0.95
C MET B 394 4.55 -29.45 -2.39
N GLN B 395 3.55 -28.58 -2.55
CA GLN B 395 3.16 -28.14 -3.87
C GLN B 395 4.09 -27.04 -4.36
N GLY B 396 4.42 -26.11 -3.48
CA GLY B 396 5.17 -24.93 -3.87
C GLY B 396 4.43 -24.12 -4.92
N PHE B 397 5.04 -23.96 -6.09
CA PHE B 397 4.48 -23.11 -7.12
C PHE B 397 4.04 -23.93 -8.34
N ASP B 398 4.00 -25.24 -8.14
CA ASP B 398 3.49 -26.16 -9.15
C ASP B 398 1.98 -26.00 -9.33
N PHE B 399 1.53 -26.16 -10.57
CA PHE B 399 0.09 -26.11 -10.88
C PHE B 399 -0.65 -27.31 -10.34
N GLU B 400 -0.11 -28.50 -10.63
CA GLU B 400 -0.74 -29.76 -10.28
C GLU B 400 -0.44 -30.14 -8.83
N GLY B 401 -1.27 -31.02 -8.29
CA GLY B 401 -1.15 -31.39 -6.90
C GLY B 401 -1.97 -30.44 -6.07
N PHE B 402 -1.64 -30.34 -4.79
CA PHE B 402 -2.40 -29.54 -3.85
C PHE B 402 -1.48 -29.05 -2.75
N PRO B 403 -1.92 -28.02 -2.01
CA PRO B 403 -1.11 -27.50 -0.91
C PRO B 403 -0.99 -28.56 0.19
N THR B 404 0.18 -28.64 0.84
CA THR B 404 0.42 -29.60 1.90
C THR B 404 0.71 -28.90 3.22
N LEU B 405 0.92 -29.69 4.27
CA LEU B 405 1.27 -29.12 5.55
C LEU B 405 2.59 -28.35 5.49
N MET B 406 3.47 -28.74 4.57
CA MET B 406 4.71 -27.99 4.39
C MET B 406 4.43 -26.59 3.86
N ASP B 407 3.50 -26.50 2.91
CA ASP B 407 3.03 -25.21 2.41
C ASP B 407 2.41 -24.37 3.54
N ALA B 408 1.62 -25.01 4.38
CA ALA B 408 1.00 -24.33 5.51
C ALA B 408 2.04 -23.85 6.51
N LEU B 409 3.06 -24.67 6.72
CA LEU B 409 4.12 -24.34 7.66
C LEU B 409 4.84 -23.07 7.21
N ILE B 410 5.28 -23.06 5.96
CA ILE B 410 5.92 -21.87 5.40
C ILE B 410 5.05 -20.64 5.64
N LEU B 411 3.75 -20.79 5.41
CA LEU B 411 2.82 -19.69 5.63
C LEU B 411 2.79 -19.24 7.08
N HIS B 412 2.64 -20.19 8.00
CA HIS B 412 2.70 -19.87 9.43
C HIS B 412 3.99 -19.13 9.77
N ARG B 413 5.09 -19.54 9.15
CA ARG B 413 6.36 -18.86 9.35
C ARG B 413 6.30 -17.41 8.90
N LEU B 414 5.59 -17.15 7.81
CA LEU B 414 5.43 -15.80 7.29
C LEU B 414 4.52 -14.99 8.20
N ILE B 415 3.51 -15.64 8.76
CA ILE B 415 2.59 -14.99 9.68
C ILE B 415 3.30 -14.59 10.95
N GLU B 416 4.10 -15.51 11.48
CA GLU B 416 4.85 -15.24 12.68
C GLU B 416 5.74 -14.02 12.45
N SER B 417 6.45 -14.04 11.33
CA SER B 417 7.39 -12.98 11.01
C SER B 417 6.70 -11.63 10.94
N VAL B 418 5.44 -11.64 10.52
CA VAL B 418 4.64 -10.41 10.48
C VAL B 418 4.47 -9.83 11.87
N TYR B 419 3.95 -10.64 12.79
CA TYR B 419 3.82 -10.24 14.18
C TYR B 419 5.17 -9.85 14.78
N LYS B 420 6.18 -10.66 14.50
CA LYS B 420 7.53 -10.37 14.99
C LYS B 420 7.98 -9.00 14.51
N SER B 421 7.75 -8.71 13.23
CA SER B 421 8.11 -7.43 12.64
C SER B 421 7.43 -6.28 13.36
N ASN B 422 6.14 -6.44 13.63
CA ASN B 422 5.34 -5.40 14.27
C ASN B 422 5.80 -5.03 15.68
N MET B 423 6.01 -6.03 16.52
CA MET B 423 6.44 -5.82 17.89
C MET B 423 7.83 -5.21 17.93
N MET B 424 8.77 -5.90 17.31
CA MET B 424 10.16 -5.45 17.26
C MET B 424 10.31 -4.15 16.47
N GLY B 425 9.28 -3.80 15.70
CA GLY B 425 9.31 -2.61 14.88
C GLY B 425 10.48 -2.58 13.92
N SER B 426 10.68 -3.65 13.19
CA SER B 426 11.81 -3.73 12.25
C SER B 426 11.49 -4.51 10.99
N THR B 427 12.26 -4.26 9.95
CA THR B 427 12.11 -4.97 8.69
C THR B 427 12.92 -6.27 8.69
N LEU B 428 12.22 -7.38 8.50
CA LEU B 428 12.81 -8.72 8.67
C LEU B 428 13.20 -9.39 7.36
N ASN B 429 14.34 -10.08 7.37
CA ASN B 429 14.75 -10.89 6.23
C ASN B 429 14.16 -12.29 6.29
N VAL B 430 13.09 -12.52 5.54
CA VAL B 430 12.34 -13.77 5.60
C VAL B 430 12.64 -14.74 4.47
N SER B 431 13.69 -14.48 3.71
CA SER B 431 13.96 -15.27 2.50
C SER B 431 14.42 -16.69 2.77
N ASN B 432 14.60 -17.05 4.04
CA ASN B 432 15.02 -18.41 4.37
C ASN B 432 13.90 -19.28 4.90
N ILE B 433 12.86 -18.64 5.42
CA ILE B 433 11.61 -19.34 5.61
C ILE B 433 11.42 -20.12 4.33
N SER B 434 10.90 -21.33 4.44
CA SER B 434 10.70 -22.20 3.27
C SER B 434 11.93 -23.06 2.96
N HIS B 435 12.98 -22.90 3.75
CA HIS B 435 14.06 -23.89 3.75
C HIS B 435 13.74 -24.95 4.79
N TYR B 436 14.04 -26.21 4.45
CA TYR B 436 13.46 -27.43 5.04
C TYR B 436 12.18 -27.62 5.86
N SER B 437 12.31 -27.71 7.19
CA SER B 437 11.24 -28.30 8.00
C SER B 437 11.53 -28.60 9.48
N MET C 2 2.76 15.14 -24.12
CA MET C 2 4.10 15.49 -24.57
C MET C 2 5.14 14.58 -23.92
N PHE C 3 5.73 13.70 -24.73
CA PHE C 3 6.75 12.77 -24.25
C PHE C 3 8.14 13.42 -24.14
N ASN C 4 8.18 14.66 -23.66
CA ASN C 4 9.44 15.36 -23.43
C ASN C 4 9.57 15.72 -21.94
N THR C 5 10.73 16.21 -21.55
CA THR C 5 10.97 16.60 -20.16
C THR C 5 10.48 18.02 -19.90
N THR C 6 9.17 18.18 -19.70
CA THR C 6 8.57 19.46 -19.37
C THR C 6 9.30 20.12 -18.20
N THR C 7 9.18 21.43 -18.07
CA THR C 7 9.86 22.16 -17.02
C THR C 7 9.33 21.79 -15.63
N MET C 8 8.19 21.12 -15.60
CA MET C 8 7.55 20.71 -14.34
C MET C 8 8.25 19.51 -13.74
N ASP C 9 9.10 18.86 -14.53
CA ASP C 9 9.85 17.69 -14.09
C ASP C 9 11.18 18.08 -13.44
N ASP C 10 11.13 19.10 -12.57
CA ASP C 10 12.32 19.54 -11.86
C ASP C 10 11.97 19.87 -10.40
N THR D 6 -22.03 -15.51 9.53
CA THR D 6 -21.98 -16.65 8.62
C THR D 6 -20.91 -17.64 9.03
N THR D 7 -21.06 -18.90 8.60
CA THR D 7 -20.12 -19.96 8.95
C THR D 7 -18.74 -19.73 8.33
N MET D 8 -18.67 -18.81 7.38
CA MET D 8 -17.41 -18.49 6.71
C MET D 8 -16.52 -17.62 7.58
N ASP D 9 -17.09 -17.05 8.64
CA ASP D 9 -16.35 -16.20 9.57
C ASP D 9 -15.69 -17.02 10.67
N ASP D 10 -15.05 -18.12 10.29
CA ASP D 10 -14.34 -18.96 11.25
C ASP D 10 -13.01 -19.46 10.66
PA NAD E . 16.72 25.93 -13.66
O1A NAD E . 18.04 26.08 -13.00
O2A NAD E . 16.73 24.90 -14.72
O5B NAD E . 16.25 27.33 -14.28
C5B NAD E . 16.35 28.47 -13.48
C4B NAD E . 17.11 29.57 -14.21
O4B NAD E . 17.94 30.19 -13.25
C3B NAD E . 18.03 29.05 -15.32
O3B NAD E . 17.51 29.29 -16.61
C2B NAD E . 19.29 29.84 -15.17
O2B NAD E . 19.21 30.93 -16.03
C1B NAD E . 19.24 30.40 -13.76
N9A NAD E . 20.26 29.71 -12.94
C8A NAD E . 20.61 28.39 -13.03
N7A NAD E . 21.56 28.14 -12.10
C5A NAD E . 21.83 29.28 -11.43
C6A NAD E . 22.71 29.58 -10.39
N6A NAD E . 23.61 28.70 -9.99
N1A NAD E . 22.76 30.86 -9.89
C2A NAD E . 21.93 31.84 -10.43
N3A NAD E . 21.06 31.53 -11.45
C4A NAD E . 21.01 30.28 -11.94
O3 NAD E . 15.66 25.61 -12.49
PN NAD E . 14.18 25.06 -12.77
O1N NAD E . 14.25 23.69 -13.34
O2N NAD E . 13.42 26.11 -13.45
O5D NAD E . 13.63 24.93 -11.27
C5D NAD E . 13.65 26.05 -10.42
C4D NAD E . 13.18 25.63 -9.04
O4D NAD E . 11.79 25.37 -9.08
C3D NAD E . 13.84 24.35 -8.58
O3D NAD E . 14.06 24.46 -7.20
C2D NAD E . 12.80 23.28 -8.78
O2D NAD E . 12.93 22.25 -7.84
C1D NAD E . 11.54 24.09 -8.53
N1N NAD E . 10.36 23.45 -9.10
C2N NAD E . 9.25 23.40 -8.33
C3N NAD E . 8.09 22.79 -8.77
C7N NAD E . 6.92 22.70 -7.84
O7N NAD E . 5.88 21.80 -8.12
N7N NAD E . 6.91 23.49 -6.77
C4N NAD E . 8.07 22.25 -10.05
C5N NAD E . 9.20 22.32 -10.84
C6N NAD E . 10.35 22.92 -10.35
PA NAD F . -16.22 -26.24 14.69
O1A NAD F . -15.33 -26.56 15.82
O2A NAD F . -17.44 -25.52 15.10
O5B NAD F . -16.64 -27.57 13.90
C5B NAD F . -16.12 -28.83 14.26
C4B NAD F . -17.28 -29.76 14.60
O4B NAD F . -16.69 -30.91 15.17
C3B NAD F . -18.25 -29.17 15.63
O3B NAD F . -19.54 -28.97 15.12
C2B NAD F . -18.30 -30.19 16.74
O2B NAD F . -19.47 -30.95 16.57
C1B NAD F . -17.12 -31.10 16.51
N9A NAD F . -16.01 -30.73 17.39
C8A NAD F . -15.82 -29.49 17.98
N7A NAD F . -14.68 -29.54 18.71
C5A NAD F . -14.14 -30.78 18.60
C6A NAD F . -12.99 -31.34 19.13
N6A NAD F . -12.10 -30.60 19.79
N1A NAD F . -12.69 -32.66 18.83
C2A NAD F . -13.52 -33.39 18.01
N3A NAD F . -14.66 -32.81 17.48
C4A NAD F . -14.97 -31.52 17.77
O3 NAD F . -15.31 -25.41 13.64
PN NAD F . -15.83 -24.81 12.23
O1N NAD F . -16.45 -23.50 12.49
O2N NAD F . -16.59 -25.86 11.52
O5D NAD F . -14.41 -24.61 11.49
C5D NAD F . -13.59 -25.74 11.31
C4D NAD F . -12.20 -25.39 10.75
O4D NAD F . -12.30 -24.95 9.40
C3D NAD F . -11.51 -24.29 11.54
O3D NAD F . -10.15 -24.59 11.61
C2D NAD F . -11.67 -23.07 10.66
O2D NAD F . -10.57 -22.21 10.83
C1D NAD F . -11.64 -23.70 9.29
N1N NAD F . -12.31 -22.82 8.31
C2N NAD F . -11.70 -22.63 7.11
C3N NAD F . -12.27 -21.83 6.15
C7N NAD F . -11.52 -21.59 4.88
O7N NAD F . -10.75 -22.65 4.37
N7N NAD F . -11.63 -20.43 4.25
C4N NAD F . -13.46 -21.18 6.42
C5N NAD F . -14.07 -21.37 7.66
C6N NAD F . -13.48 -22.20 8.61
#